data_3GIP
#
_entry.id   3GIP
#
_cell.length_a   90.988
_cell.length_b   90.988
_cell.length_c   507.134
_cell.angle_alpha   90.00
_cell.angle_beta   90.00
_cell.angle_gamma   120.00
#
_symmetry.space_group_name_H-M   'P 61 2 2'
#
loop_
_entity.id
_entity.type
_entity.pdbx_description
1 polymer 'N-acyl-D-glutamate deacylase'
2 non-polymer 'ACETIC ACID'
3 non-polymer 'FORMIC ACID'
4 non-polymer 'ZINC ION'
5 water water
#
_entity_poly.entity_id   1
_entity_poly.type   'polypeptide(L)'
_entity_poly.pdbx_seq_one_letter_code
;MQNAEKLDFKITGGWIIDGTGAPRRRADLGVRDGRIAAIGELGAHPARHAWDASGKIVAPGFIDVHGHDDLMFVEKPDLR
WKTSQGITTVVVGNCGVSAAPAPLPGNTAAALALLGETPLFADVPAYFAALDAQRPMINVAALVGHANLRLAAMRDPQAA
PTAAEQQAMQDMLQAALEAGAVGFSTGLAYQPGAVAQAAELEGLARVAAERRRLHTSHIRNEADGVEAAVEEVLAIGRGT
GCATVVSHHKCMMPQNWGRSRATLANIDRAREQGVEVALDIYPYPGSSTILIPERAETIDDIRITWSTPHPECSGEYLAD
IAARWGCDKTTAARRLAPAGAIYFAMDEDEVKRIFQHPCCMVGSDGLPNDARPHPRLWGSFTRVLGRYVREARLMTLEQA
VARMTALPARVFGFAERGVLQPGAWADVVVFDPDTVADRATWDEPTLASVGIAGVLVNGAEVFPQPPADGRPGQVLRAGA
;
_entity_poly.pdbx_strand_id   A,B
#
loop_
_chem_comp.id
_chem_comp.type
_chem_comp.name
_chem_comp.formula
ACY non-polymer 'ACETIC ACID' 'C2 H4 O2'
FMT non-polymer 'FORMIC ACID' 'C H2 O2'
ZN non-polymer 'ZINC ION' 'Zn 2'
#
# COMPACT_ATOMS: atom_id res chain seq x y z
N GLU A 5 17.21 -24.76 32.69
CA GLU A 5 17.69 -23.38 33.00
C GLU A 5 16.69 -22.35 32.48
N LYS A 6 16.36 -21.39 33.33
CA LYS A 6 15.39 -20.37 32.97
C LYS A 6 15.76 -19.60 31.71
N LEU A 7 14.77 -19.36 30.86
CA LEU A 7 14.97 -18.63 29.62
C LEU A 7 14.94 -17.13 29.92
N ASP A 8 15.70 -16.36 29.15
CA ASP A 8 15.73 -14.92 29.35
C ASP A 8 14.52 -14.28 28.67
N PHE A 9 14.05 -14.92 27.61
CA PHE A 9 12.91 -14.43 26.86
C PHE A 9 12.21 -15.58 26.13
N LYS A 10 10.91 -15.46 25.94
CA LYS A 10 10.17 -16.47 25.19
C LYS A 10 9.04 -15.75 24.48
N ILE A 11 8.82 -16.14 23.23
CA ILE A 11 7.76 -15.56 22.40
C ILE A 11 6.86 -16.72 22.03
N THR A 12 5.65 -16.71 22.57
CA THR A 12 4.72 -17.80 22.36
C THR A 12 3.43 -17.53 21.58
N GLY A 13 2.80 -18.62 21.13
CA GLY A 13 1.55 -18.55 20.41
C GLY A 13 1.55 -18.07 18.97
N GLY A 14 2.71 -17.68 18.47
CA GLY A 14 2.78 -17.18 17.10
C GLY A 14 3.18 -18.20 16.05
N TRP A 15 3.33 -17.72 14.82
CA TRP A 15 3.74 -18.56 13.70
C TRP A 15 5.14 -18.14 13.29
N ILE A 16 6.04 -19.11 13.24
CA ILE A 16 7.42 -18.85 12.89
C ILE A 16 7.72 -18.91 11.39
N ILE A 17 8.34 -17.85 10.89
CA ILE A 17 8.81 -17.81 9.51
C ILE A 17 10.29 -17.61 9.81
N ASP A 18 11.05 -18.72 9.74
CA ASP A 18 12.46 -18.71 10.10
C ASP A 18 13.49 -18.16 9.13
N GLY A 19 13.05 -17.69 7.97
CA GLY A 19 13.99 -17.13 7.00
C GLY A 19 14.52 -18.11 5.97
N THR A 20 14.24 -19.40 6.14
CA THR A 20 14.72 -20.42 5.21
C THR A 20 13.83 -20.58 3.98
N GLY A 21 12.66 -19.95 4.02
CA GLY A 21 11.73 -20.05 2.91
C GLY A 21 10.71 -21.14 3.17
N ALA A 22 10.93 -21.92 4.23
CA ALA A 22 10.01 -22.99 4.58
C ALA A 22 8.68 -22.42 5.02
N PRO A 23 7.59 -23.18 4.88
CA PRO A 23 6.26 -22.69 5.28
C PRO A 23 6.21 -22.30 6.75
N ARG A 24 5.46 -21.23 7.05
CA ARG A 24 5.32 -20.77 8.43
C ARG A 24 4.80 -21.92 9.30
N ARG A 25 5.28 -21.99 10.53
CA ARG A 25 4.85 -23.05 11.43
C ARG A 25 4.54 -22.56 12.84
N ARG A 26 3.54 -23.19 13.46
CA ARG A 26 3.13 -22.82 14.80
C ARG A 26 4.15 -23.34 15.81
N ALA A 27 4.90 -22.44 16.43
CA ALA A 27 5.91 -22.82 17.41
C ALA A 27 6.33 -21.62 18.25
N ASP A 28 6.89 -21.90 19.43
CA ASP A 28 7.35 -20.83 20.32
C ASP A 28 8.86 -20.68 20.19
N LEU A 29 9.37 -19.49 20.50
CA LEU A 29 10.79 -19.23 20.42
C LEU A 29 11.35 -18.89 21.79
N GLY A 30 12.44 -19.56 22.16
CA GLY A 30 13.06 -19.32 23.45
C GLY A 30 14.43 -18.67 23.30
N VAL A 31 14.74 -17.72 24.17
CA VAL A 31 16.01 -17.02 24.11
C VAL A 31 16.77 -17.08 25.43
N ARG A 32 18.09 -17.26 25.34
CA ARG A 32 18.93 -17.29 26.52
C ARG A 32 20.35 -16.85 26.15
N ASP A 33 20.90 -15.95 26.95
CA ASP A 33 22.25 -15.45 26.72
C ASP A 33 22.41 -14.83 25.34
N GLY A 34 21.36 -14.16 24.88
CA GLY A 34 21.39 -13.50 23.59
C GLY A 34 21.19 -14.36 22.36
N ARG A 35 21.06 -15.67 22.58
CA ARG A 35 20.90 -16.61 21.47
C ARG A 35 19.56 -17.32 21.52
N ILE A 36 19.19 -17.94 20.40
CA ILE A 36 17.96 -18.70 20.32
C ILE A 36 18.30 -20.02 21.03
N ALA A 37 17.71 -20.22 22.19
CA ALA A 37 17.97 -21.40 23.00
C ALA A 37 17.09 -22.60 22.66
N ALA A 38 15.91 -22.35 22.11
CA ALA A 38 15.01 -23.43 21.77
C ALA A 38 13.83 -22.97 20.93
N ILE A 39 13.24 -23.91 20.19
CA ILE A 39 12.08 -23.63 19.36
C ILE A 39 11.13 -24.82 19.48
N GLY A 40 9.86 -24.54 19.78
CA GLY A 40 8.88 -25.59 19.92
C GLY A 40 7.79 -25.21 20.91
N GLU A 41 7.48 -26.11 21.84
CA GLU A 41 6.46 -25.84 22.85
C GLU A 41 7.13 -25.31 24.11
N LEU A 42 6.90 -24.04 24.42
CA LEU A 42 7.50 -23.41 25.59
C LEU A 42 6.48 -22.76 26.52
N GLY A 43 5.21 -23.12 26.33
CA GLY A 43 4.16 -22.54 27.15
C GLY A 43 4.37 -22.64 28.66
N ALA A 44 4.88 -23.77 29.13
CA ALA A 44 5.11 -23.97 30.55
C ALA A 44 6.57 -23.76 30.97
N HIS A 45 7.40 -23.34 30.02
CA HIS A 45 8.81 -23.12 30.31
C HIS A 45 9.03 -21.72 30.90
N PRO A 46 9.54 -21.65 32.15
CA PRO A 46 9.79 -20.38 32.82
C PRO A 46 10.71 -19.45 32.02
N ALA A 47 10.43 -18.16 32.07
CA ALA A 47 11.23 -17.16 31.36
C ALA A 47 11.17 -15.82 32.09
N ARG A 48 12.25 -15.06 32.01
CA ARG A 48 12.32 -13.75 32.67
C ARG A 48 11.38 -12.76 31.99
N HIS A 49 11.28 -12.86 30.67
CA HIS A 49 10.39 -12.00 29.89
C HIS A 49 9.63 -12.86 28.90
N ALA A 50 8.41 -12.45 28.58
CA ALA A 50 7.60 -13.23 27.64
C ALA A 50 6.66 -12.36 26.83
N TRP A 51 6.53 -12.70 25.55
CA TRP A 51 5.64 -11.99 24.64
C TRP A 51 4.60 -12.95 24.07
N ASP A 52 3.38 -12.47 23.93
CA ASP A 52 2.29 -13.27 23.37
C ASP A 52 2.20 -12.90 21.89
N ALA A 53 2.69 -13.79 21.03
CA ALA A 53 2.66 -13.55 19.59
C ALA A 53 1.46 -14.17 18.90
N SER A 54 0.39 -14.43 19.65
CA SER A 54 -0.82 -15.00 19.06
C SER A 54 -1.26 -14.12 17.91
N GLY A 55 -1.56 -14.74 16.77
CA GLY A 55 -1.99 -13.98 15.61
C GLY A 55 -0.90 -13.17 14.94
N LYS A 56 0.36 -13.48 15.25
CA LYS A 56 1.48 -12.75 14.66
C LYS A 56 2.52 -13.68 14.06
N ILE A 57 3.44 -13.10 13.31
CA ILE A 57 4.54 -13.84 12.69
C ILE A 57 5.77 -13.52 13.52
N VAL A 58 6.58 -14.54 13.78
CA VAL A 58 7.83 -14.38 14.52
C VAL A 58 8.90 -14.70 13.50
N ALA A 59 9.72 -13.71 13.16
CA ALA A 59 10.73 -13.88 12.13
C ALA A 59 12.09 -13.34 12.55
N PRO A 60 13.13 -13.62 11.74
CA PRO A 60 14.46 -13.11 12.09
C PRO A 60 14.38 -11.59 11.90
N GLY A 61 15.13 -10.84 12.70
CA GLY A 61 15.12 -9.39 12.54
C GLY A 61 15.56 -9.05 11.13
N PHE A 62 15.02 -7.97 10.56
CA PHE A 62 15.39 -7.60 9.20
C PHE A 62 16.78 -6.98 9.10
N ILE A 63 17.47 -7.31 8.02
CA ILE A 63 18.82 -6.81 7.77
C ILE A 63 18.79 -5.79 6.65
N ASP A 64 19.03 -4.52 7.00
CA ASP A 64 19.04 -3.42 6.05
C ASP A 64 20.43 -3.38 5.42
N VAL A 65 20.54 -3.93 4.21
CA VAL A 65 21.82 -4.00 3.53
C VAL A 65 22.28 -2.69 2.91
N HIS A 66 21.43 -1.66 2.90
CA HIS A 66 21.84 -0.39 2.34
C HIS A 66 21.58 0.80 3.24
N GLY A 67 22.41 0.93 4.27
CA GLY A 67 22.24 2.04 5.18
C GLY A 67 23.33 3.08 5.00
N HIS A 68 23.06 4.29 5.45
CA HIS A 68 24.01 5.40 5.41
C HIS A 68 24.07 5.96 6.82
N ASP A 69 23.76 5.10 7.80
CA ASP A 69 23.72 5.49 9.20
C ASP A 69 25.07 5.46 9.90
N ASP A 70 26.14 5.44 9.12
CA ASP A 70 27.51 5.39 9.63
C ASP A 70 27.78 6.17 10.91
N LEU A 71 27.40 7.45 10.90
CA LEU A 71 27.66 8.32 12.04
C LEU A 71 26.49 8.53 12.99
N MET A 72 25.38 7.85 12.74
CA MET A 72 24.20 8.02 13.59
C MET A 72 24.28 7.34 14.95
N PHE A 73 25.16 6.35 15.07
CA PHE A 73 25.29 5.64 16.33
C PHE A 73 25.84 6.57 17.41
N VAL A 74 26.43 7.68 16.99
CA VAL A 74 26.95 8.66 17.93
C VAL A 74 26.07 9.91 17.90
N GLU A 75 25.59 10.28 16.71
CA GLU A 75 24.76 11.46 16.55
C GLU A 75 23.31 11.32 17.01
N LYS A 76 22.63 10.26 16.56
CA LYS A 76 21.24 10.01 16.91
C LYS A 76 21.12 8.54 17.29
N PRO A 77 21.69 8.15 18.44
CA PRO A 77 21.70 6.78 18.96
C PRO A 77 20.41 5.96 19.03
N ASP A 78 19.24 6.60 19.03
CA ASP A 78 17.99 5.85 19.13
C ASP A 78 17.73 4.91 17.96
N LEU A 79 18.15 5.30 16.76
CA LEU A 79 17.94 4.48 15.57
C LEU A 79 16.50 3.99 15.45
N ARG A 80 15.56 4.79 15.96
CA ARG A 80 14.15 4.41 15.93
C ARG A 80 13.60 4.21 14.52
N TRP A 81 14.19 4.88 13.54
CA TRP A 81 13.73 4.72 12.16
C TRP A 81 14.01 3.32 11.66
N LYS A 82 14.92 2.61 12.33
CA LYS A 82 15.27 1.24 11.97
C LYS A 82 14.42 0.25 12.76
N THR A 83 14.47 0.36 14.09
CA THR A 83 13.73 -0.55 14.93
C THR A 83 12.23 -0.56 14.70
N SER A 84 11.65 0.61 14.44
CA SER A 84 10.22 0.72 14.22
C SER A 84 9.72 0.02 12.97
N GLN A 85 10.64 -0.36 12.08
CA GLN A 85 10.24 -1.09 10.88
C GLN A 85 10.80 -2.51 10.88
N GLY A 86 11.23 -2.95 12.06
CA GLY A 86 11.74 -4.31 12.23
C GLY A 86 13.18 -4.63 11.93
N ILE A 87 14.01 -3.61 11.71
CA ILE A 87 15.42 -3.81 11.37
C ILE A 87 16.29 -4.03 12.61
N THR A 88 17.08 -5.11 12.59
CA THR A 88 17.96 -5.44 13.72
C THR A 88 19.45 -5.39 13.37
N THR A 89 19.75 -5.27 12.07
CA THR A 89 21.13 -5.17 11.60
C THR A 89 21.16 -4.23 10.40
N VAL A 90 22.20 -3.40 10.31
CA VAL A 90 22.33 -2.51 9.17
C VAL A 90 23.76 -2.56 8.65
N VAL A 91 23.88 -2.53 7.33
CA VAL A 91 25.18 -2.51 6.68
C VAL A 91 25.38 -1.06 6.26
N VAL A 92 26.38 -0.40 6.85
CA VAL A 92 26.66 0.99 6.53
C VAL A 92 27.89 1.14 5.63
N GLY A 93 28.20 2.37 5.24
CA GLY A 93 29.36 2.62 4.40
C GLY A 93 29.12 2.37 2.92
N ASN A 94 27.90 2.66 2.47
CA ASN A 94 27.52 2.44 1.08
C ASN A 94 27.80 3.60 0.13
N CYS A 95 27.73 3.28 -1.16
CA CYS A 95 27.89 4.25 -2.24
C CYS A 95 29.21 5.01 -2.24
N GLY A 96 30.25 4.36 -1.73
CA GLY A 96 31.56 4.99 -1.70
C GLY A 96 31.89 5.84 -0.50
N VAL A 97 30.91 6.11 0.36
CA VAL A 97 31.15 6.95 1.53
C VAL A 97 30.94 6.20 2.84
N SER A 98 31.92 6.30 3.72
CA SER A 98 31.88 5.61 5.00
C SER A 98 32.41 6.43 6.17
N ALA A 99 32.24 5.90 7.37
CA ALA A 99 32.70 6.57 8.59
C ALA A 99 34.22 6.73 8.60
N ALA A 100 34.91 5.80 7.95
CA ALA A 100 36.37 5.82 7.90
C ALA A 100 36.86 5.17 6.62
N PRO A 101 38.10 5.45 6.20
CA PRO A 101 39.08 6.35 6.85
C PRO A 101 38.79 7.82 6.57
N ALA A 102 39.38 8.69 7.36
CA ALA A 102 39.18 10.13 7.21
C ALA A 102 39.94 10.67 6.00
N PRO A 103 39.35 11.66 5.31
CA PRO A 103 39.99 12.24 4.13
C PRO A 103 41.18 13.09 4.55
N LEU A 104 42.07 13.36 3.59
CA LEU A 104 43.23 14.21 3.86
C LEU A 104 42.66 15.59 4.12
N PRO A 105 43.35 16.42 4.92
CA PRO A 105 42.86 17.77 5.20
C PRO A 105 42.59 18.54 3.91
N GLY A 106 41.40 19.11 3.79
CA GLY A 106 41.07 19.87 2.60
C GLY A 106 40.38 19.05 1.51
N ASN A 107 40.43 17.72 1.62
CA ASN A 107 39.79 16.87 0.64
C ASN A 107 38.34 16.63 1.06
N THR A 108 37.41 16.87 0.16
CA THR A 108 36.00 16.67 0.48
C THR A 108 35.23 16.17 -0.72
N ALA A 109 33.98 15.81 -0.50
CA ALA A 109 33.11 15.32 -1.57
C ALA A 109 31.67 15.62 -1.17
N ALA A 110 30.89 16.07 -2.14
CA ALA A 110 29.48 16.39 -1.89
C ALA A 110 28.73 15.20 -1.32
N ALA A 111 29.05 14.00 -1.82
CA ALA A 111 28.40 12.77 -1.38
C ALA A 111 28.62 12.47 0.11
N LEU A 112 29.64 13.07 0.70
CA LEU A 112 29.90 12.85 2.12
C LEU A 112 28.72 13.37 2.95
N ALA A 113 27.92 14.24 2.35
CA ALA A 113 26.76 14.80 3.02
C ALA A 113 25.72 13.71 3.30
N LEU A 114 25.87 12.58 2.62
CA LEU A 114 24.94 11.47 2.83
C LEU A 114 25.19 10.85 4.20
N LEU A 115 26.28 11.25 4.85
CA LEU A 115 26.65 10.71 6.17
C LEU A 115 26.33 11.60 7.38
N GLY A 116 26.64 12.89 7.28
CA GLY A 116 26.39 13.80 8.38
C GLY A 116 27.53 14.75 8.63
N GLU A 117 27.46 15.49 9.74
CA GLU A 117 28.49 16.47 10.09
C GLU A 117 29.61 15.97 11.01
N THR A 118 29.35 14.87 11.72
CA THR A 118 30.35 14.31 12.62
C THR A 118 31.68 14.06 11.91
N PRO A 119 32.79 14.57 12.45
CA PRO A 119 34.10 14.36 11.83
C PRO A 119 34.35 12.87 11.65
N LEU A 120 34.82 12.48 10.48
CA LEU A 120 35.09 11.07 10.20
C LEU A 120 36.18 10.49 11.08
N PHE A 121 36.15 9.16 11.23
CA PHE A 121 37.13 8.44 12.04
C PHE A 121 38.40 8.18 11.25
N ALA A 122 39.53 8.13 11.96
CA ALA A 122 40.83 7.91 11.32
C ALA A 122 40.85 6.64 10.47
N ASP A 123 40.39 5.53 11.05
CA ASP A 123 40.35 4.26 10.35
C ASP A 123 39.26 3.38 10.94
N VAL A 124 39.06 2.21 10.34
CA VAL A 124 38.04 1.29 10.82
C VAL A 124 38.28 0.87 12.27
N PRO A 125 39.53 0.61 12.65
CA PRO A 125 39.76 0.21 14.05
C PRO A 125 39.22 1.28 15.01
N ALA A 126 39.44 2.54 14.68
CA ALA A 126 38.97 3.63 15.53
C ALA A 126 37.44 3.68 15.55
N TYR A 127 36.84 3.50 14.38
CA TYR A 127 35.39 3.51 14.26
C TYR A 127 34.78 2.37 15.08
N PHE A 128 35.29 1.17 14.89
CA PHE A 128 34.80 0.01 15.63
C PHE A 128 35.05 0.14 17.12
N ALA A 129 36.16 0.77 17.49
CA ALA A 129 36.48 0.96 18.90
C ALA A 129 35.45 1.88 19.52
N ALA A 130 35.02 2.88 18.76
CA ALA A 130 34.01 3.83 19.24
C ALA A 130 32.68 3.11 19.43
N LEU A 131 32.36 2.21 18.51
CA LEU A 131 31.11 1.46 18.58
C LEU A 131 31.13 0.48 19.75
N ASP A 132 32.27 -0.14 20.02
CA ASP A 132 32.36 -1.09 21.13
C ASP A 132 32.13 -0.37 22.46
N ALA A 133 32.64 0.86 22.55
CA ALA A 133 32.53 1.67 23.76
C ALA A 133 31.12 2.24 23.96
N GLN A 134 30.45 2.54 22.85
CA GLN A 134 29.09 3.08 22.89
C GLN A 134 28.28 2.18 21.96
N ARG A 135 27.92 1.01 22.46
CA ARG A 135 27.16 0.03 21.69
C ARG A 135 25.96 0.59 20.96
N PRO A 136 25.80 0.22 19.68
CA PRO A 136 24.69 0.67 18.84
C PRO A 136 23.37 -0.02 19.22
N MET A 137 22.26 0.62 18.88
CA MET A 137 20.94 0.08 19.20
C MET A 137 20.71 -1.24 18.45
N ILE A 138 21.22 -1.32 17.24
CA ILE A 138 21.10 -2.51 16.41
C ILE A 138 22.49 -2.97 15.98
N ASN A 139 22.58 -4.12 15.34
CA ASN A 139 23.87 -4.62 14.89
C ASN A 139 24.39 -3.80 13.72
N VAL A 140 25.70 -3.66 13.65
CA VAL A 140 26.33 -2.87 12.60
C VAL A 140 27.46 -3.57 11.87
N ALA A 141 27.33 -3.66 10.54
CA ALA A 141 28.36 -4.24 9.69
C ALA A 141 28.79 -3.04 8.86
N ALA A 142 30.08 -2.95 8.52
CA ALA A 142 30.55 -1.80 7.78
C ALA A 142 31.41 -2.07 6.56
N LEU A 143 31.15 -1.29 5.51
CA LEU A 143 31.90 -1.34 4.27
C LEU A 143 32.79 -0.11 4.30
N VAL A 144 33.93 -0.17 3.62
CA VAL A 144 34.81 1.00 3.55
C VAL A 144 34.54 1.64 2.20
N GLY A 145 34.35 2.95 2.21
CA GLY A 145 34.05 3.66 0.98
C GLY A 145 35.22 3.97 0.06
N HIS A 146 35.04 3.70 -1.22
CA HIS A 146 36.06 3.98 -2.23
C HIS A 146 36.35 5.48 -2.25
N ALA A 147 35.33 6.30 -2.02
CA ALA A 147 35.53 7.74 -2.02
C ALA A 147 36.49 8.07 -0.87
N ASN A 148 36.26 7.45 0.28
CA ASN A 148 37.12 7.66 1.45
C ASN A 148 38.55 7.28 1.11
N LEU A 149 38.71 6.13 0.46
CA LEU A 149 40.04 5.65 0.09
C LEU A 149 40.75 6.67 -0.78
N ARG A 150 40.08 7.16 -1.81
CA ARG A 150 40.68 8.16 -2.70
C ARG A 150 41.00 9.44 -1.95
N LEU A 151 40.05 9.93 -1.15
CA LEU A 151 40.24 11.17 -0.41
C LEU A 151 41.32 11.08 0.66
N ALA A 152 41.58 9.86 1.12
CA ALA A 152 42.58 9.65 2.16
C ALA A 152 43.97 9.37 1.59
N ALA A 153 44.02 8.84 0.37
CA ALA A 153 45.29 8.48 -0.24
C ALA A 153 45.81 9.44 -1.31
N MET A 154 44.93 10.27 -1.87
CA MET A 154 45.34 11.17 -2.93
C MET A 154 45.32 12.67 -2.66
N ARG A 155 46.49 13.28 -2.79
CA ARG A 155 46.66 14.72 -2.59
C ARG A 155 45.73 15.45 -3.56
N ASP A 156 45.53 14.84 -4.73
CA ASP A 156 44.63 15.39 -5.74
C ASP A 156 43.70 14.25 -6.15
N PRO A 157 42.58 14.10 -5.42
CA PRO A 157 41.58 13.06 -5.68
C PRO A 157 40.86 13.13 -7.02
N GLN A 158 41.22 14.10 -7.85
CA GLN A 158 40.59 14.23 -9.16
C GLN A 158 41.50 13.69 -10.27
N ALA A 159 42.68 13.24 -9.91
CA ALA A 159 43.62 12.71 -10.89
C ALA A 159 43.64 11.19 -10.93
N ALA A 160 44.47 10.65 -11.82
CA ALA A 160 44.63 9.21 -11.93
C ALA A 160 45.62 8.87 -10.84
N PRO A 161 45.41 7.74 -10.13
CA PRO A 161 46.34 7.37 -9.06
C PRO A 161 47.70 6.90 -9.54
N THR A 162 48.73 7.24 -8.78
CA THR A 162 50.07 6.79 -9.12
C THR A 162 50.11 5.36 -8.61
N ALA A 163 51.14 4.60 -8.97
CA ALA A 163 51.23 3.23 -8.52
C ALA A 163 51.23 3.18 -7.00
N ALA A 164 51.92 4.14 -6.37
CA ALA A 164 52.00 4.20 -4.92
C ALA A 164 50.65 4.50 -4.28
N GLU A 165 49.89 5.41 -4.89
CA GLU A 165 48.58 5.78 -4.36
C GLU A 165 47.60 4.61 -4.52
N GLN A 166 47.70 3.88 -5.63
CA GLN A 166 46.84 2.73 -5.85
C GLN A 166 47.15 1.70 -4.77
N GLN A 167 48.43 1.50 -4.50
CA GLN A 167 48.81 0.53 -3.48
C GLN A 167 48.38 1.01 -2.10
N ALA A 168 48.41 2.32 -1.88
CA ALA A 168 48.00 2.87 -0.59
C ALA A 168 46.52 2.59 -0.36
N MET A 169 45.72 2.77 -1.40
CA MET A 169 44.29 2.51 -1.27
C MET A 169 44.04 1.04 -1.00
N GLN A 170 44.81 0.17 -1.65
CA GLN A 170 44.66 -1.25 -1.46
C GLN A 170 45.08 -1.65 -0.04
N ASP A 171 46.16 -1.03 0.46
CA ASP A 171 46.62 -1.33 1.81
C ASP A 171 45.61 -0.84 2.84
N MET A 172 45.01 0.32 2.57
CA MET A 172 44.00 0.87 3.48
C MET A 172 42.80 -0.07 3.49
N LEU A 173 42.44 -0.58 2.32
CA LEU A 173 41.32 -1.50 2.22
C LEU A 173 41.66 -2.78 2.98
N GLN A 174 42.87 -3.28 2.78
CA GLN A 174 43.29 -4.50 3.44
C GLN A 174 43.21 -4.35 4.96
N ALA A 175 43.66 -3.20 5.47
CA ALA A 175 43.62 -2.95 6.89
C ALA A 175 42.17 -2.92 7.38
N ALA A 176 41.29 -2.33 6.59
CA ALA A 176 39.88 -2.24 6.96
C ALA A 176 39.27 -3.64 7.03
N LEU A 177 39.57 -4.46 6.03
CA LEU A 177 39.06 -5.83 6.01
C LEU A 177 39.62 -6.64 7.17
N GLU A 178 40.89 -6.43 7.49
CA GLU A 178 41.49 -7.16 8.59
C GLU A 178 40.83 -6.73 9.89
N ALA A 179 40.36 -5.49 9.94
CA ALA A 179 39.71 -4.94 11.12
C ALA A 179 38.27 -5.45 11.26
N GLY A 180 37.71 -6.00 10.19
CA GLY A 180 36.36 -6.52 10.26
C GLY A 180 35.36 -5.99 9.25
N ALA A 181 35.78 -5.08 8.38
CA ALA A 181 34.88 -4.53 7.36
C ALA A 181 34.43 -5.67 6.46
N VAL A 182 33.19 -5.61 5.99
CA VAL A 182 32.66 -6.66 5.13
C VAL A 182 32.99 -6.50 3.65
N GLY A 183 33.65 -5.41 3.30
CA GLY A 183 34.02 -5.17 1.90
C GLY A 183 34.16 -3.69 1.65
N PHE A 184 34.14 -3.30 0.38
CA PHE A 184 34.24 -1.89 0.04
C PHE A 184 33.09 -1.52 -0.89
N SER A 185 32.72 -0.25 -0.90
CA SER A 185 31.64 0.20 -1.76
C SER A 185 32.15 1.27 -2.70
N THR A 186 31.50 1.40 -3.85
CA THR A 186 31.86 2.43 -4.81
C THR A 186 30.64 3.30 -5.09
N GLY A 187 30.92 4.55 -5.46
CA GLY A 187 29.87 5.50 -5.80
C GLY A 187 30.35 6.09 -7.11
N LEU A 188 30.28 5.30 -8.16
CA LEU A 188 30.77 5.70 -9.47
C LEU A 188 30.02 6.86 -10.13
N ALA A 189 28.86 7.20 -9.60
CA ALA A 189 28.07 8.30 -10.14
C ALA A 189 28.46 9.60 -9.44
N TYR A 190 29.33 9.49 -8.43
CA TYR A 190 29.77 10.64 -7.64
C TYR A 190 31.27 10.91 -7.71
N GLN A 191 31.64 12.13 -7.36
CA GLN A 191 33.05 12.51 -7.31
C GLN A 191 33.48 12.09 -5.91
N PRO A 192 34.73 11.63 -5.75
CA PRO A 192 35.76 11.47 -6.78
C PRO A 192 35.80 10.08 -7.41
N GLY A 193 34.95 9.18 -6.92
CA GLY A 193 34.93 7.83 -7.45
C GLY A 193 34.77 7.70 -8.95
N ALA A 194 34.02 8.61 -9.55
CA ALA A 194 33.76 8.60 -10.99
C ALA A 194 35.05 8.69 -11.82
N VAL A 195 36.10 9.24 -11.23
CA VAL A 195 37.38 9.40 -11.92
C VAL A 195 38.10 8.06 -12.11
N ALA A 196 37.79 7.10 -11.25
CA ALA A 196 38.42 5.79 -11.29
C ALA A 196 38.19 5.01 -12.58
N GLN A 197 39.21 4.29 -13.00
CA GLN A 197 39.15 3.45 -14.20
C GLN A 197 39.18 1.99 -13.77
N ALA A 198 39.01 1.09 -14.72
CA ALA A 198 38.98 -0.35 -14.44
C ALA A 198 40.12 -0.85 -13.56
N ALA A 199 41.36 -0.53 -13.92
CA ALA A 199 42.52 -1.00 -13.14
C ALA A 199 42.45 -0.67 -11.65
N GLU A 200 41.99 0.54 -11.33
CA GLU A 200 41.89 0.97 -9.95
C GLU A 200 40.86 0.15 -9.17
N LEU A 201 39.68 -0.01 -9.76
CA LEU A 201 38.61 -0.75 -9.12
C LEU A 201 38.94 -2.24 -9.02
N GLU A 202 39.57 -2.78 -10.04
CA GLU A 202 39.95 -4.19 -10.05
C GLU A 202 40.98 -4.46 -8.97
N GLY A 203 41.89 -3.51 -8.76
CA GLY A 203 42.90 -3.67 -7.74
C GLY A 203 42.28 -3.85 -6.37
N LEU A 204 41.28 -3.02 -6.07
CA LEU A 204 40.60 -3.10 -4.78
C LEU A 204 39.78 -4.40 -4.72
N ALA A 205 39.18 -4.77 -5.84
CA ALA A 205 38.38 -5.99 -5.91
C ALA A 205 39.22 -7.23 -5.65
N ARG A 206 40.48 -7.22 -6.10
CA ARG A 206 41.36 -8.36 -5.87
C ARG A 206 41.63 -8.52 -4.38
N VAL A 207 41.81 -7.39 -3.70
CA VAL A 207 42.06 -7.41 -2.27
C VAL A 207 40.84 -7.96 -1.53
N ALA A 208 39.66 -7.54 -1.95
CA ALA A 208 38.42 -8.02 -1.32
C ALA A 208 38.18 -9.48 -1.63
N ALA A 209 38.33 -9.84 -2.90
CA ALA A 209 38.11 -11.22 -3.34
C ALA A 209 39.00 -12.22 -2.62
N GLU A 210 40.26 -11.85 -2.41
CA GLU A 210 41.21 -12.73 -1.73
C GLU A 210 40.77 -13.07 -0.31
N ARG A 211 40.01 -12.17 0.30
CA ARG A 211 39.53 -12.37 1.66
C ARG A 211 38.04 -12.69 1.71
N ARG A 212 37.48 -13.03 0.55
CA ARG A 212 36.07 -13.38 0.43
C ARG A 212 35.20 -12.25 0.95
N ARG A 213 35.53 -11.02 0.57
CA ARG A 213 34.77 -9.85 0.99
C ARG A 213 34.05 -9.27 -0.23
N LEU A 214 33.15 -8.32 0.01
CA LEU A 214 32.35 -7.75 -1.07
C LEU A 214 32.74 -6.43 -1.71
N HIS A 215 32.17 -6.23 -2.89
CA HIS A 215 32.28 -4.98 -3.62
C HIS A 215 30.82 -4.64 -3.83
N THR A 216 30.32 -3.62 -3.15
CA THR A 216 28.92 -3.20 -3.34
C THR A 216 29.06 -1.93 -4.17
N SER A 217 28.12 -1.69 -5.08
CA SER A 217 28.27 -0.52 -5.93
C SER A 217 27.06 0.30 -6.32
N HIS A 218 27.20 1.61 -6.17
CA HIS A 218 26.19 2.55 -6.63
C HIS A 218 26.89 2.77 -7.98
N ILE A 219 26.36 2.15 -9.02
CA ILE A 219 26.96 2.20 -10.34
C ILE A 219 27.12 3.57 -10.99
N ARG A 220 27.94 3.62 -12.04
CA ARG A 220 28.27 4.87 -12.73
C ARG A 220 27.10 5.73 -13.17
N ASN A 221 26.07 5.10 -13.75
CA ASN A 221 24.91 5.84 -14.19
C ASN A 221 23.70 4.93 -14.11
N GLU A 222 22.58 5.48 -13.66
CA GLU A 222 21.37 4.68 -13.51
C GLU A 222 20.24 5.17 -14.42
N ALA A 223 20.62 5.83 -15.51
CA ALA A 223 19.67 6.34 -16.48
C ALA A 223 20.04 5.83 -17.88
N ASP A 224 20.38 6.74 -18.79
CA ASP A 224 20.74 6.34 -20.15
C ASP A 224 21.89 5.34 -20.23
N GLY A 225 22.81 5.39 -19.27
CA GLY A 225 23.93 4.46 -19.31
C GLY A 225 23.85 3.33 -18.31
N VAL A 226 22.64 3.01 -17.84
CA VAL A 226 22.48 1.97 -16.83
C VAL A 226 22.97 0.59 -17.26
N GLU A 227 22.73 0.20 -18.51
CA GLU A 227 23.20 -1.11 -18.95
C GLU A 227 24.72 -1.19 -18.96
N ALA A 228 25.37 -0.12 -19.43
CA ALA A 228 26.82 -0.09 -19.45
C ALA A 228 27.37 -0.07 -18.03
N ALA A 229 26.67 0.61 -17.14
CA ALA A 229 27.08 0.72 -15.75
C ALA A 229 27.06 -0.63 -15.03
N VAL A 230 26.03 -1.42 -15.28
CA VAL A 230 25.95 -2.74 -14.66
C VAL A 230 27.04 -3.63 -15.24
N GLU A 231 27.23 -3.57 -16.56
CA GLU A 231 28.25 -4.36 -17.23
C GLU A 231 29.63 -4.03 -16.65
N GLU A 232 29.86 -2.76 -16.35
CA GLU A 232 31.15 -2.32 -15.80
C GLU A 232 31.49 -3.02 -14.49
N VAL A 233 30.53 -3.08 -13.57
CA VAL A 233 30.81 -3.72 -12.29
C VAL A 233 30.79 -5.24 -12.39
N LEU A 234 30.06 -5.78 -13.35
CA LEU A 234 30.04 -7.23 -13.51
C LEU A 234 31.37 -7.69 -14.11
N ALA A 235 31.94 -6.85 -14.97
CA ALA A 235 33.23 -7.17 -15.59
C ALA A 235 34.29 -7.26 -14.51
N ILE A 236 34.20 -6.38 -13.51
CA ILE A 236 35.14 -6.39 -12.40
C ILE A 236 34.97 -7.68 -11.62
N GLY A 237 33.73 -8.09 -11.42
CA GLY A 237 33.47 -9.32 -10.68
C GLY A 237 33.91 -10.57 -11.42
N ARG A 238 33.68 -10.60 -12.72
CA ARG A 238 34.06 -11.76 -13.53
C ARG A 238 35.57 -11.90 -13.63
N GLY A 239 36.26 -10.77 -13.71
CA GLY A 239 37.71 -10.80 -13.82
C GLY A 239 38.43 -11.11 -12.53
N THR A 240 37.89 -10.65 -11.40
CA THR A 240 38.54 -10.86 -10.10
C THR A 240 37.88 -11.93 -9.24
N GLY A 241 36.64 -12.29 -9.56
CA GLY A 241 35.94 -13.28 -8.78
C GLY A 241 35.36 -12.70 -7.50
N CYS A 242 35.42 -11.37 -7.38
CA CYS A 242 34.92 -10.69 -6.20
C CYS A 242 33.40 -10.67 -6.12
N ALA A 243 32.86 -11.13 -5.00
CA ALA A 243 31.41 -11.12 -4.80
C ALA A 243 30.96 -9.68 -5.01
N THR A 244 29.85 -9.50 -5.72
CA THR A 244 29.36 -8.17 -6.05
C THR A 244 27.90 -7.93 -5.71
N VAL A 245 27.59 -6.70 -5.30
CA VAL A 245 26.22 -6.31 -4.99
C VAL A 245 25.92 -5.02 -5.75
N VAL A 246 24.84 -5.01 -6.52
CA VAL A 246 24.43 -3.82 -7.25
C VAL A 246 23.44 -3.09 -6.35
N SER A 247 23.87 -1.97 -5.78
CA SER A 247 23.05 -1.18 -4.88
C SER A 247 21.85 -0.52 -5.52
N HIS A 248 20.77 -0.42 -4.74
CA HIS A 248 19.53 0.22 -5.16
C HIS A 248 19.33 0.22 -6.67
N HIS A 249 19.24 -0.98 -7.23
CA HIS A 249 19.11 -1.12 -8.68
C HIS A 249 17.81 -0.49 -9.16
N LYS A 250 17.94 0.31 -10.23
CA LYS A 250 16.80 1.03 -10.77
C LYS A 250 17.12 1.54 -12.17
N CYS A 251 16.08 2.01 -12.86
CA CYS A 251 16.19 2.60 -14.18
C CYS A 251 15.46 3.94 -14.11
N MET A 252 16.23 5.02 -14.18
CA MET A 252 15.68 6.37 -14.08
C MET A 252 15.35 7.01 -15.43
N MET A 253 14.24 7.75 -15.44
CA MET A 253 13.72 8.44 -16.62
C MET A 253 12.97 7.50 -17.56
N PRO A 254 11.80 7.94 -18.04
CA PRO A 254 10.93 7.17 -18.95
C PRO A 254 11.58 6.45 -20.11
N GLN A 255 12.57 7.07 -20.76
CA GLN A 255 13.21 6.44 -21.90
C GLN A 255 13.99 5.19 -21.49
N ASN A 256 14.26 5.05 -20.20
CA ASN A 256 15.03 3.92 -19.69
C ASN A 256 14.18 2.88 -18.96
N TRP A 257 12.89 3.17 -18.79
CA TRP A 257 12.05 2.21 -18.09
C TRP A 257 11.99 0.88 -18.84
N GLY A 258 12.23 -0.20 -18.12
CA GLY A 258 12.20 -1.52 -18.73
C GLY A 258 13.56 -2.11 -19.01
N ARG A 259 14.59 -1.29 -18.93
CA ARG A 259 15.94 -1.77 -19.22
C ARG A 259 16.49 -2.75 -18.17
N SER A 260 15.76 -2.94 -17.08
CA SER A 260 16.22 -3.89 -16.07
C SER A 260 16.11 -5.31 -16.62
N ARG A 261 15.34 -5.49 -17.69
CA ARG A 261 15.24 -6.82 -18.26
C ARG A 261 16.63 -7.18 -18.77
N ALA A 262 17.31 -6.19 -19.34
CA ALA A 262 18.65 -6.40 -19.88
C ALA A 262 19.71 -6.48 -18.76
N THR A 263 19.62 -5.60 -17.77
CA THR A 263 20.60 -5.62 -16.69
C THR A 263 20.50 -6.88 -15.84
N LEU A 264 19.28 -7.31 -15.57
CA LEU A 264 19.08 -8.52 -14.78
C LEU A 264 19.53 -9.75 -15.57
N ALA A 265 19.39 -9.68 -16.90
CA ALA A 265 19.81 -10.79 -17.75
C ALA A 265 21.34 -10.89 -17.68
N ASN A 266 21.99 -9.74 -17.62
CA ASN A 266 23.45 -9.68 -17.56
C ASN A 266 23.89 -10.23 -16.20
N ILE A 267 23.16 -9.82 -15.16
CA ILE A 267 23.45 -10.28 -13.81
C ILE A 267 23.31 -11.80 -13.76
N ASP A 268 22.26 -12.32 -14.40
CA ASP A 268 22.05 -13.75 -14.43
C ASP A 268 23.17 -14.47 -15.15
N ARG A 269 23.67 -13.91 -16.24
CA ARG A 269 24.75 -14.54 -16.97
C ARG A 269 26.00 -14.62 -16.11
N ALA A 270 26.21 -13.59 -15.30
CA ALA A 270 27.37 -13.54 -14.41
C ALA A 270 27.29 -14.57 -13.28
N ARG A 271 26.12 -14.70 -12.65
CA ARG A 271 25.98 -15.64 -11.55
C ARG A 271 25.93 -17.08 -12.05
N GLU A 272 25.54 -17.27 -13.30
CA GLU A 272 25.50 -18.61 -13.88
C GLU A 272 26.95 -19.08 -14.05
N GLN A 273 27.83 -18.12 -14.30
CA GLN A 273 29.25 -18.38 -14.49
C GLN A 273 30.01 -18.59 -13.18
N GLY A 274 29.32 -18.44 -12.05
CA GLY A 274 29.97 -18.64 -10.77
C GLY A 274 30.28 -17.40 -9.96
N VAL A 275 30.06 -16.23 -10.54
CA VAL A 275 30.32 -14.99 -9.80
C VAL A 275 29.17 -14.77 -8.84
N GLU A 276 29.48 -14.44 -7.58
CA GLU A 276 28.42 -14.20 -6.62
C GLU A 276 27.92 -12.79 -6.82
N VAL A 277 26.71 -12.66 -7.35
CA VAL A 277 26.14 -11.35 -7.58
C VAL A 277 24.76 -11.24 -6.97
N ALA A 278 24.51 -10.13 -6.28
CA ALA A 278 23.21 -9.89 -5.67
C ALA A 278 22.88 -8.42 -5.89
N LEU A 279 21.72 -8.00 -5.41
CA LEU A 279 21.31 -6.62 -5.56
C LEU A 279 20.30 -6.27 -4.49
N ASP A 280 19.89 -5.01 -4.45
CA ASP A 280 18.89 -4.59 -3.49
C ASP A 280 18.11 -3.40 -4.01
N ILE A 281 16.92 -3.20 -3.45
CA ILE A 281 16.06 -2.09 -3.83
C ILE A 281 15.31 -1.58 -2.61
N TYR A 282 14.74 -0.38 -2.74
CA TYR A 282 13.85 0.17 -1.73
C TYR A 282 12.56 0.23 -2.54
N PRO A 283 11.42 -0.02 -1.90
CA PRO A 283 10.10 -0.02 -2.58
C PRO A 283 9.46 1.32 -2.91
N TYR A 284 10.16 2.14 -3.69
CA TYR A 284 9.65 3.46 -4.10
C TYR A 284 10.15 3.80 -5.49
N PRO A 285 9.34 4.55 -6.27
CA PRO A 285 9.72 4.95 -7.63
C PRO A 285 10.41 6.30 -7.71
N GLY A 286 10.99 6.74 -6.60
CA GLY A 286 11.72 7.99 -6.57
C GLY A 286 13.01 7.79 -5.80
N SER A 287 14.09 8.41 -6.26
CA SER A 287 15.39 8.29 -5.60
C SER A 287 15.61 9.53 -4.74
N SER A 288 16.72 9.56 -4.02
CA SER A 288 17.02 10.72 -3.19
C SER A 288 18.51 10.79 -2.92
N THR A 289 19.10 11.92 -3.23
CA THR A 289 20.54 12.10 -3.00
C THR A 289 20.83 13.59 -3.09
N ILE A 290 22.09 13.95 -3.29
CA ILE A 290 22.45 15.35 -3.39
C ILE A 290 21.77 16.00 -4.58
N LEU A 291 21.55 17.31 -4.49
CA LEU A 291 20.92 18.05 -5.58
C LEU A 291 21.94 18.19 -6.69
N ILE A 292 21.55 17.79 -7.90
CA ILE A 292 22.42 17.83 -9.06
C ILE A 292 21.83 18.81 -10.08
N PRO A 293 22.44 20.00 -10.23
CA PRO A 293 21.95 21.00 -11.18
C PRO A 293 21.78 20.51 -12.60
N GLU A 294 22.61 19.55 -13.01
CA GLU A 294 22.53 19.03 -14.37
C GLU A 294 21.22 18.30 -14.65
N ARG A 295 20.44 18.03 -13.61
CA ARG A 295 19.17 17.34 -13.76
C ARG A 295 17.99 18.32 -13.75
N ALA A 296 18.29 19.60 -13.51
CA ALA A 296 17.26 20.64 -13.45
C ALA A 296 16.31 20.66 -14.63
N GLU A 297 16.82 20.37 -15.83
CA GLU A 297 15.99 20.38 -17.03
C GLU A 297 15.75 18.99 -17.62
N THR A 298 16.05 17.94 -16.87
CA THR A 298 15.83 16.58 -17.38
C THR A 298 14.81 15.81 -16.55
N ILE A 299 14.60 16.24 -15.31
CA ILE A 299 13.63 15.57 -14.43
C ILE A 299 12.73 16.62 -13.80
N ASP A 300 11.42 16.43 -13.92
CA ASP A 300 10.46 17.35 -13.33
C ASP A 300 10.18 16.98 -11.88
N ASP A 301 9.58 17.91 -11.16
CA ASP A 301 9.23 17.71 -9.75
C ASP A 301 10.38 17.40 -8.80
N ILE A 302 11.56 17.92 -9.11
CA ILE A 302 12.70 17.72 -8.22
C ILE A 302 12.25 18.41 -6.92
N ARG A 303 12.24 17.68 -5.82
CA ARG A 303 11.79 18.23 -4.55
C ARG A 303 12.92 18.25 -3.53
N ILE A 304 13.17 19.42 -2.96
CA ILE A 304 14.26 19.60 -2.01
C ILE A 304 14.06 18.85 -0.68
N THR A 305 15.12 18.18 -0.23
CA THR A 305 15.09 17.44 1.02
C THR A 305 15.83 18.21 2.12
N TRP A 306 16.75 19.07 1.69
CA TRP A 306 17.53 19.91 2.59
C TRP A 306 18.36 20.88 1.77
N SER A 307 18.74 22.01 2.38
CA SER A 307 19.57 23.02 1.72
C SER A 307 20.24 23.83 2.81
N THR A 308 21.57 23.86 2.79
CA THR A 308 22.29 24.62 3.82
C THR A 308 22.04 26.12 3.71
N PRO A 309 22.16 26.70 2.50
CA PRO A 309 21.92 28.14 2.39
C PRO A 309 20.44 28.54 2.45
N HIS A 310 19.58 27.64 1.99
CA HIS A 310 18.14 27.92 1.98
C HIS A 310 17.32 26.81 2.63
N PRO A 311 17.47 26.66 3.96
CA PRO A 311 16.73 25.63 4.70
C PRO A 311 15.22 25.77 4.62
N GLU A 312 14.74 26.96 4.24
CA GLU A 312 13.31 27.20 4.13
C GLU A 312 12.74 26.43 2.94
N CYS A 313 13.60 26.07 2.00
CA CYS A 313 13.18 25.38 0.78
C CYS A 313 12.93 23.88 0.88
N SER A 314 13.22 23.26 2.03
CA SER A 314 12.98 21.84 2.17
C SER A 314 11.49 21.58 1.91
N GLY A 315 11.21 20.58 1.09
CA GLY A 315 9.83 20.23 0.78
C GLY A 315 9.27 20.91 -0.45
N GLU A 316 10.01 21.88 -0.98
CA GLU A 316 9.56 22.64 -2.15
C GLU A 316 10.10 22.09 -3.48
N TYR A 317 9.37 22.36 -4.56
CA TYR A 317 9.75 21.94 -5.90
C TYR A 317 10.75 22.94 -6.47
N LEU A 318 11.77 22.43 -7.14
CA LEU A 318 12.79 23.28 -7.76
C LEU A 318 12.15 24.29 -8.72
N ALA A 319 11.15 23.86 -9.48
CA ALA A 319 10.49 24.76 -10.42
C ALA A 319 9.77 25.91 -9.72
N ASP A 320 9.19 25.64 -8.55
CA ASP A 320 8.49 26.68 -7.81
C ASP A 320 9.48 27.67 -7.21
N ILE A 321 10.61 27.14 -6.74
CA ILE A 321 11.65 27.99 -6.17
C ILE A 321 12.20 28.92 -7.25
N ALA A 322 12.52 28.35 -8.40
CA ALA A 322 13.06 29.12 -9.51
C ALA A 322 12.08 30.21 -9.96
N ALA A 323 10.81 29.85 -10.09
CA ALA A 323 9.80 30.81 -10.50
C ALA A 323 9.70 31.97 -9.51
N ARG A 324 9.77 31.64 -8.23
CA ARG A 324 9.67 32.66 -7.19
C ARG A 324 10.88 33.60 -7.21
N TRP A 325 12.04 33.07 -7.52
CA TRP A 325 13.26 33.87 -7.56
C TRP A 325 13.46 34.58 -8.89
N GLY A 326 12.69 34.19 -9.89
CA GLY A 326 12.82 34.81 -11.20
C GLY A 326 14.06 34.39 -11.98
N CYS A 327 14.50 33.15 -11.77
CA CYS A 327 15.67 32.63 -12.46
C CYS A 327 15.34 31.24 -13.01
N ASP A 328 16.23 30.65 -13.80
CA ASP A 328 15.95 29.32 -14.33
C ASP A 328 16.24 28.27 -13.25
N LYS A 329 15.79 27.04 -13.48
CA LYS A 329 15.98 25.98 -12.51
C LYS A 329 17.43 25.60 -12.21
N THR A 330 18.28 25.63 -13.24
CA THR A 330 19.68 25.28 -13.04
C THR A 330 20.33 26.30 -12.10
N THR A 331 20.01 27.58 -12.32
CA THR A 331 20.54 28.65 -11.49
C THR A 331 20.05 28.49 -10.06
N ALA A 332 18.75 28.19 -9.91
CA ALA A 332 18.18 28.03 -8.58
C ALA A 332 18.86 26.85 -7.87
N ALA A 333 19.09 25.77 -8.60
CA ALA A 333 19.74 24.60 -8.02
C ALA A 333 21.13 24.95 -7.51
N ARG A 334 21.84 25.77 -8.27
CA ARG A 334 23.18 26.19 -7.87
C ARG A 334 23.13 27.07 -6.62
N ARG A 335 22.12 27.90 -6.50
CA ARG A 335 21.99 28.78 -5.34
C ARG A 335 21.61 28.00 -4.09
N LEU A 336 20.96 26.86 -4.29
CA LEU A 336 20.52 26.00 -3.19
C LEU A 336 21.65 25.15 -2.61
N ALA A 337 22.73 24.98 -3.39
CA ALA A 337 23.85 24.16 -2.98
C ALA A 337 24.60 24.66 -1.75
N PRO A 338 25.00 23.73 -0.86
CA PRO A 338 24.76 22.29 -0.97
C PRO A 338 23.34 21.93 -0.54
N ALA A 339 22.75 20.97 -1.24
CA ALA A 339 21.38 20.56 -0.94
C ALA A 339 21.14 19.11 -1.36
N GLY A 340 19.93 18.64 -1.07
CA GLY A 340 19.56 17.28 -1.45
C GLY A 340 18.18 17.35 -2.07
N ALA A 341 17.79 16.28 -2.76
CA ALA A 341 16.48 16.26 -3.41
C ALA A 341 15.97 14.85 -3.66
N ILE A 342 14.69 14.77 -4.00
CA ILE A 342 14.05 13.51 -4.34
C ILE A 342 13.77 13.63 -5.82
N TYR A 343 14.06 12.55 -6.54
CA TYR A 343 13.88 12.49 -7.99
C TYR A 343 12.85 11.42 -8.31
N PHE A 344 11.65 11.87 -8.71
CA PHE A 344 10.57 10.96 -9.05
C PHE A 344 10.78 10.55 -10.50
N ALA A 345 11.60 9.52 -10.71
CA ALA A 345 11.94 9.12 -12.07
C ALA A 345 11.88 7.64 -12.44
N MET A 346 11.31 6.81 -11.58
CA MET A 346 11.23 5.39 -11.89
C MET A 346 9.80 4.88 -12.08
N ASP A 347 9.69 3.68 -12.64
CA ASP A 347 8.40 3.03 -12.88
C ASP A 347 8.20 2.00 -11.78
N GLU A 348 7.18 2.22 -10.95
CA GLU A 348 6.91 1.31 -9.84
C GLU A 348 6.78 -0.15 -10.29
N ASP A 349 6.22 -0.39 -11.47
CA ASP A 349 6.09 -1.77 -11.91
C ASP A 349 7.45 -2.40 -12.12
N GLU A 350 8.43 -1.59 -12.53
CA GLU A 350 9.78 -2.08 -12.74
C GLU A 350 10.47 -2.32 -11.39
N VAL A 351 10.25 -1.42 -10.43
CA VAL A 351 10.84 -1.58 -9.12
C VAL A 351 10.39 -2.93 -8.57
N LYS A 352 9.11 -3.24 -8.77
CA LYS A 352 8.54 -4.49 -8.31
C LYS A 352 9.16 -5.70 -9.01
N ARG A 353 9.39 -5.59 -10.32
CA ARG A 353 9.98 -6.70 -11.07
C ARG A 353 11.42 -6.96 -10.61
N ILE A 354 12.14 -5.89 -10.33
CA ILE A 354 13.53 -6.02 -9.88
C ILE A 354 13.53 -6.71 -8.52
N PHE A 355 12.61 -6.33 -7.64
CA PHE A 355 12.54 -6.95 -6.33
C PHE A 355 12.28 -8.45 -6.44
N GLN A 356 11.53 -8.85 -7.46
CA GLN A 356 11.23 -10.26 -7.64
C GLN A 356 12.45 -11.09 -8.04
N HIS A 357 13.51 -10.44 -8.49
CA HIS A 357 14.70 -11.20 -8.87
C HIS A 357 15.16 -12.01 -7.65
N PRO A 358 15.51 -13.29 -7.86
CA PRO A 358 15.94 -14.19 -6.79
C PRO A 358 17.06 -13.70 -5.86
N CYS A 359 17.90 -12.80 -6.36
CA CYS A 359 19.00 -12.31 -5.53
C CYS A 359 18.79 -10.89 -5.03
N CYS A 360 17.55 -10.42 -5.06
CA CYS A 360 17.28 -9.06 -4.60
C CYS A 360 16.92 -8.96 -3.13
N MET A 361 17.71 -8.18 -2.40
CA MET A 361 17.50 -7.96 -0.97
C MET A 361 16.82 -6.58 -0.83
N VAL A 362 16.54 -6.19 0.39
CA VAL A 362 15.91 -4.89 0.65
C VAL A 362 16.93 -3.97 1.33
N GLY A 363 17.09 -2.77 0.76
CA GLY A 363 18.00 -1.78 1.30
C GLY A 363 17.21 -0.47 1.39
N SER A 364 17.09 0.09 2.59
CA SER A 364 16.30 1.31 2.77
C SER A 364 16.91 2.57 2.18
N ASP A 365 18.24 2.68 2.23
CA ASP A 365 18.94 3.84 1.71
C ASP A 365 18.42 5.11 2.39
N GLY A 366 18.06 4.99 3.66
CA GLY A 366 17.56 6.13 4.39
C GLY A 366 18.65 7.16 4.60
N LEU A 367 18.28 8.44 4.55
CA LEU A 367 19.23 9.53 4.76
C LEU A 367 18.73 10.25 6.00
N PRO A 368 19.12 9.75 7.19
CA PRO A 368 18.77 10.24 8.53
C PRO A 368 18.96 11.71 8.89
N ASN A 369 19.86 12.42 8.22
CA ASN A 369 20.07 13.82 8.56
C ASN A 369 19.27 14.82 7.72
N ASP A 370 18.61 14.34 6.67
CA ASP A 370 17.80 15.21 5.81
C ASP A 370 16.68 15.88 6.60
N ALA A 371 16.42 17.15 6.31
CA ALA A 371 15.35 17.89 7.00
C ALA A 371 14.00 17.30 6.64
N ARG A 372 13.82 17.00 5.35
CA ARG A 372 12.58 16.41 4.84
C ARG A 372 13.02 15.21 4.00
N PRO A 373 13.37 14.12 4.68
CA PRO A 373 13.84 12.91 4.01
C PRO A 373 12.82 12.14 3.18
N HIS A 374 13.35 11.30 2.31
CA HIS A 374 12.55 10.42 1.48
C HIS A 374 12.01 9.42 2.53
N PRO A 375 10.71 9.09 2.47
CA PRO A 375 10.07 8.17 3.42
C PRO A 375 10.68 6.78 3.56
N ARG A 376 11.52 6.38 2.61
CA ARG A 376 12.16 5.08 2.66
C ARG A 376 12.95 4.93 3.96
N LEU A 377 13.33 6.07 4.54
CA LEU A 377 14.07 6.09 5.80
C LEU A 377 13.31 5.37 6.90
N TRP A 378 12.00 5.57 6.94
CA TRP A 378 11.14 4.98 7.96
C TRP A 378 10.21 3.87 7.52
N GLY A 379 9.99 3.70 6.21
CA GLY A 379 9.04 2.68 5.81
C GLY A 379 9.40 1.62 4.80
N SER A 380 10.67 1.51 4.43
CA SER A 380 11.06 0.53 3.44
C SER A 380 10.67 -0.93 3.68
N PHE A 381 11.07 -1.49 4.81
CA PHE A 381 10.75 -2.90 5.07
C PHE A 381 9.28 -3.22 5.25
N THR A 382 8.57 -2.34 5.95
CA THR A 382 7.14 -2.56 6.16
C THR A 382 6.34 -2.27 4.89
N ARG A 383 6.89 -1.44 4.01
CA ARG A 383 6.20 -1.16 2.75
C ARG A 383 6.32 -2.41 1.88
N VAL A 384 7.44 -3.10 1.97
CA VAL A 384 7.59 -4.32 1.19
C VAL A 384 6.59 -5.35 1.70
N LEU A 385 6.51 -5.53 3.02
CA LEU A 385 5.59 -6.50 3.59
C LEU A 385 4.12 -6.17 3.35
N GLY A 386 3.77 -4.89 3.41
CA GLY A 386 2.39 -4.50 3.21
C GLY A 386 1.97 -4.24 1.77
N ARG A 387 2.76 -3.48 1.04
CA ARG A 387 2.43 -3.13 -0.34
C ARG A 387 2.86 -4.16 -1.38
N TYR A 388 4.09 -4.64 -1.28
CA TYR A 388 4.60 -5.60 -2.25
C TYR A 388 4.16 -7.05 -2.00
N VAL A 389 4.03 -7.41 -0.73
CA VAL A 389 3.63 -8.77 -0.40
C VAL A 389 2.13 -8.92 -0.19
N ARG A 390 1.59 -8.31 0.86
CA ARG A 390 0.15 -8.44 1.13
C ARG A 390 -0.74 -7.88 0.03
N GLU A 391 -0.44 -6.67 -0.43
CA GLU A 391 -1.24 -6.03 -1.45
C GLU A 391 -1.02 -6.50 -2.89
N ALA A 392 0.23 -6.52 -3.34
CA ALA A 392 0.53 -6.91 -4.71
C ALA A 392 0.79 -8.41 -4.92
N ARG A 393 1.01 -9.14 -3.82
CA ARG A 393 1.28 -10.57 -3.89
C ARG A 393 2.43 -10.92 -4.84
N LEU A 394 3.49 -10.13 -4.78
CA LEU A 394 4.66 -10.34 -5.64
C LEU A 394 5.40 -11.63 -5.28
N MET A 395 5.28 -12.04 -4.03
CA MET A 395 5.88 -13.28 -3.53
C MET A 395 5.20 -13.57 -2.20
N THR A 396 5.47 -14.73 -1.62
CA THR A 396 4.84 -15.06 -0.35
C THR A 396 5.59 -14.35 0.78
N LEU A 397 4.96 -14.30 1.94
CA LEU A 397 5.57 -13.68 3.09
C LEU A 397 6.85 -14.45 3.44
N GLU A 398 6.80 -15.77 3.33
CA GLU A 398 7.97 -16.60 3.63
C GLU A 398 9.13 -16.25 2.70
N GLN A 399 8.83 -16.03 1.42
CA GLN A 399 9.87 -15.68 0.47
C GLN A 399 10.42 -14.28 0.76
N ALA A 400 9.53 -13.34 1.08
CA ALA A 400 9.96 -11.98 1.35
C ALA A 400 10.83 -11.90 2.59
N VAL A 401 10.45 -12.60 3.65
CA VAL A 401 11.25 -12.59 4.87
C VAL A 401 12.64 -13.13 4.57
N ALA A 402 12.74 -14.14 3.70
CA ALA A 402 14.03 -14.69 3.35
C ALA A 402 14.90 -13.62 2.69
N ARG A 403 14.30 -12.77 1.86
CA ARG A 403 15.04 -11.70 1.19
C ARG A 403 15.58 -10.67 2.18
N MET A 404 14.93 -10.56 3.32
CA MET A 404 15.28 -9.58 4.34
C MET A 404 16.17 -10.13 5.44
N THR A 405 16.36 -11.45 5.45
CA THR A 405 17.12 -12.07 6.53
C THR A 405 18.21 -13.04 6.07
N ALA A 406 17.82 -14.24 5.68
CA ALA A 406 18.79 -15.24 5.26
C ALA A 406 19.63 -14.83 4.06
N LEU A 407 19.01 -14.26 3.04
CA LEU A 407 19.77 -13.85 1.85
C LEU A 407 20.84 -12.83 2.23
N PRO A 408 20.49 -11.77 2.98
CA PRO A 408 21.52 -10.79 3.34
C PRO A 408 22.65 -11.45 4.15
N ALA A 409 22.28 -12.35 5.07
CA ALA A 409 23.28 -13.03 5.89
C ALA A 409 24.22 -13.85 5.01
N ARG A 410 23.66 -14.47 3.98
CA ARG A 410 24.45 -15.28 3.04
C ARG A 410 25.36 -14.41 2.18
N VAL A 411 24.83 -13.31 1.68
CA VAL A 411 25.59 -12.41 0.83
C VAL A 411 26.71 -11.69 1.57
N PHE A 412 26.41 -11.23 2.78
CA PHE A 412 27.38 -10.48 3.57
C PHE A 412 28.22 -11.31 4.53
N GLY A 413 27.92 -12.60 4.64
CA GLY A 413 28.69 -13.48 5.49
C GLY A 413 28.42 -13.40 6.98
N PHE A 414 27.17 -13.17 7.36
CA PHE A 414 26.82 -13.09 8.77
C PHE A 414 26.50 -14.46 9.35
N ALA A 415 27.45 -15.01 10.09
CA ALA A 415 27.25 -16.31 10.70
C ALA A 415 26.33 -16.17 11.91
N GLU A 416 25.45 -17.15 12.07
CA GLU A 416 24.51 -17.19 13.19
C GLU A 416 23.52 -16.03 13.24
N ARG A 417 23.19 -15.49 12.07
CA ARG A 417 22.21 -14.41 11.98
C ARG A 417 21.38 -14.58 10.72
N GLY A 418 20.20 -13.94 10.71
CA GLY A 418 19.32 -14.02 9.56
C GLY A 418 18.43 -15.24 9.49
N VAL A 419 18.47 -16.07 10.53
CA VAL A 419 17.63 -17.27 10.56
C VAL A 419 17.22 -17.60 11.99
N LEU A 420 16.01 -18.12 12.16
CA LEU A 420 15.56 -18.51 13.48
C LEU A 420 15.81 -20.00 13.63
N GLN A 421 16.95 -20.33 14.23
CA GLN A 421 17.35 -21.71 14.49
C GLN A 421 18.11 -21.71 15.80
N PRO A 422 18.08 -22.83 16.55
CA PRO A 422 18.80 -22.85 17.81
C PRO A 422 20.29 -22.52 17.62
N GLY A 423 20.83 -21.71 18.53
CA GLY A 423 22.24 -21.34 18.44
C GLY A 423 22.52 -20.01 17.78
N ALA A 424 21.62 -19.56 16.92
CA ALA A 424 21.82 -18.30 16.23
C ALA A 424 21.50 -17.13 17.17
N TRP A 425 22.03 -15.96 16.85
CA TRP A 425 21.76 -14.78 17.67
C TRP A 425 20.27 -14.46 17.65
N ALA A 426 19.76 -14.03 18.79
CA ALA A 426 18.34 -13.73 18.92
C ALA A 426 17.89 -12.37 18.39
N ASP A 427 18.11 -12.13 17.09
CA ASP A 427 17.64 -10.90 16.45
C ASP A 427 16.27 -11.35 15.98
N VAL A 428 15.21 -10.78 16.55
CA VAL A 428 13.87 -11.21 16.22
C VAL A 428 12.87 -10.07 16.05
N VAL A 429 11.93 -10.24 15.13
CA VAL A 429 10.88 -9.26 14.93
C VAL A 429 9.55 -9.99 14.94
N VAL A 430 8.59 -9.43 15.67
CA VAL A 430 7.25 -10.01 15.76
C VAL A 430 6.32 -9.00 15.10
N PHE A 431 5.56 -9.45 14.11
CA PHE A 431 4.66 -8.54 13.43
C PHE A 431 3.35 -9.18 12.99
N ASP A 432 2.33 -8.35 12.82
CA ASP A 432 1.02 -8.82 12.37
C ASP A 432 1.09 -8.81 10.84
N PRO A 433 0.99 -9.99 10.21
CA PRO A 433 1.05 -10.05 8.74
C PRO A 433 -0.07 -9.32 8.03
N ASP A 434 -1.22 -9.20 8.69
CA ASP A 434 -2.36 -8.55 8.07
C ASP A 434 -2.40 -7.03 8.18
N THR A 435 -1.66 -6.48 9.14
CA THR A 435 -1.65 -5.02 9.32
C THR A 435 -0.30 -4.37 9.09
N VAL A 436 0.78 -5.16 9.13
CA VAL A 436 2.10 -4.57 8.95
C VAL A 436 2.16 -3.70 7.70
N ALA A 437 2.64 -2.48 7.88
CA ALA A 437 2.71 -1.54 6.77
C ALA A 437 3.42 -0.26 7.16
N ASP A 438 3.93 0.43 6.14
CA ASP A 438 4.60 1.71 6.33
C ASP A 438 3.54 2.79 6.47
N ARG A 439 3.90 3.87 7.13
CA ARG A 439 2.99 5.00 7.30
C ARG A 439 3.68 6.27 6.83
N ALA A 440 4.99 6.20 6.66
CA ALA A 440 5.77 7.34 6.21
C ALA A 440 5.36 7.71 4.80
N THR A 441 5.04 8.99 4.59
CA THR A 441 4.64 9.47 3.28
C THR A 441 5.60 10.55 2.81
N TRP A 442 5.43 10.99 1.56
CA TRP A 442 6.29 12.03 1.04
C TRP A 442 6.17 13.30 1.89
N ASP A 443 4.95 13.64 2.30
CA ASP A 443 4.74 14.84 3.12
C ASP A 443 5.13 14.65 4.57
N GLU A 444 4.93 13.44 5.09
CA GLU A 444 5.26 13.12 6.48
C GLU A 444 6.14 11.87 6.45
N PRO A 445 7.40 12.02 6.03
CA PRO A 445 8.37 10.94 5.92
C PRO A 445 8.88 10.28 7.20
N THR A 446 8.50 10.78 8.36
CA THR A 446 8.99 10.17 9.60
C THR A 446 7.93 9.42 10.39
N LEU A 447 6.75 9.24 9.81
CA LEU A 447 5.69 8.50 10.51
C LEU A 447 6.13 7.04 10.67
N ALA A 448 5.93 6.50 11.87
CA ALA A 448 6.33 5.13 12.16
C ALA A 448 5.37 4.08 11.59
N SER A 449 5.93 2.92 11.28
CA SER A 449 5.14 1.82 10.73
C SER A 449 4.15 1.30 11.75
N VAL A 450 3.19 0.52 11.25
CA VAL A 450 2.20 -0.12 12.12
C VAL A 450 2.35 -1.61 11.89
N GLY A 451 1.91 -2.42 12.85
CA GLY A 451 2.01 -3.86 12.67
C GLY A 451 3.24 -4.51 13.24
N ILE A 452 4.20 -3.72 13.71
CA ILE A 452 5.41 -4.27 14.32
C ILE A 452 5.11 -4.34 15.81
N ALA A 453 5.04 -5.55 16.34
CA ALA A 453 4.72 -5.74 17.76
C ALA A 453 5.94 -5.69 18.69
N GLY A 454 7.07 -6.22 18.23
CA GLY A 454 8.25 -6.20 19.07
C GLY A 454 9.52 -6.55 18.31
N VAL A 455 10.64 -6.09 18.82
CA VAL A 455 11.93 -6.37 18.19
C VAL A 455 13.00 -6.66 19.23
N LEU A 456 13.72 -7.74 19.02
CA LEU A 456 14.82 -8.13 19.90
C LEU A 456 16.11 -8.06 19.11
N VAL A 457 17.15 -7.54 19.73
CA VAL A 457 18.47 -7.46 19.12
C VAL A 457 19.33 -8.25 20.10
N ASN A 458 19.89 -9.35 19.64
CA ASN A 458 20.71 -10.20 20.49
C ASN A 458 19.98 -10.55 21.78
N GLY A 459 18.69 -10.85 21.65
CA GLY A 459 17.88 -11.23 22.79
C GLY A 459 17.33 -10.11 23.67
N ALA A 460 17.74 -8.88 23.42
CA ALA A 460 17.27 -7.75 24.22
C ALA A 460 16.23 -6.91 23.46
N GLU A 461 15.18 -6.51 24.15
CA GLU A 461 14.13 -5.70 23.53
C GLU A 461 14.63 -4.30 23.18
N VAL A 462 14.37 -3.87 21.95
CA VAL A 462 14.74 -2.52 21.53
C VAL A 462 13.48 -1.79 21.07
N PHE A 463 12.42 -2.58 20.81
CA PHE A 463 11.13 -2.04 20.38
C PHE A 463 10.05 -2.94 20.96
N PRO A 464 8.94 -2.35 21.45
CA PRO A 464 8.62 -0.92 21.51
C PRO A 464 9.38 -0.10 22.54
N GLN A 465 9.90 -0.77 23.58
CA GLN A 465 10.64 -0.08 24.61
C GLN A 465 12.14 -0.30 24.50
N PRO A 466 12.89 0.76 24.10
CA PRO A 466 14.34 0.62 23.98
C PRO A 466 15.00 0.52 25.36
N PRO A 467 16.21 -0.05 25.42
CA PRO A 467 16.94 -0.18 26.68
C PRO A 467 17.25 1.16 27.33
N ALA A 468 17.23 1.19 28.65
CA ALA A 468 17.49 2.41 29.39
C ALA A 468 18.96 2.78 29.39
N ASP A 469 19.83 1.78 29.61
CA ASP A 469 21.26 2.01 29.64
C ASP A 469 21.96 1.55 28.37
N GLY A 470 22.90 0.63 28.51
CA GLY A 470 23.63 0.12 27.36
C GLY A 470 22.74 -0.55 26.34
N ARG A 471 23.05 -0.34 25.07
CA ARG A 471 22.27 -0.93 23.98
C ARG A 471 22.83 -2.30 23.63
N PRO A 472 22.01 -3.19 23.04
CA PRO A 472 22.40 -4.56 22.67
C PRO A 472 23.09 -4.83 21.32
N GLY A 473 23.17 -3.82 20.47
CA GLY A 473 23.80 -4.02 19.18
C GLY A 473 25.26 -4.42 19.25
N GLN A 474 25.72 -5.15 18.24
CA GLN A 474 27.10 -5.59 18.18
C GLN A 474 27.75 -5.18 16.87
N VAL A 475 29.06 -4.97 16.89
CA VAL A 475 29.78 -4.64 15.69
C VAL A 475 30.02 -6.00 15.04
N LEU A 476 29.52 -6.18 13.83
CA LEU A 476 29.69 -7.46 13.15
C LEU A 476 31.01 -7.49 12.38
N ARG A 477 32.09 -7.82 13.09
CA ARG A 477 33.41 -7.91 12.48
C ARG A 477 33.55 -9.15 11.62
N ALA A 478 33.86 -8.95 10.35
CA ALA A 478 34.03 -10.07 9.42
C ALA A 478 35.37 -10.74 9.67
N GLU B 5 -33.34 -19.45 27.90
CA GLU B 5 -31.96 -19.85 27.51
C GLU B 5 -31.06 -18.62 27.39
N LYS B 6 -29.85 -18.72 27.93
CA LYS B 6 -28.90 -17.61 27.89
C LYS B 6 -28.69 -17.08 26.48
N LEU B 7 -28.52 -15.76 26.38
CA LEU B 7 -28.30 -15.10 25.10
C LEU B 7 -26.81 -14.91 24.86
N ASP B 8 -26.41 -14.92 23.59
CA ASP B 8 -25.01 -14.72 23.24
C ASP B 8 -24.68 -13.25 23.38
N PHE B 9 -25.68 -12.40 23.09
CA PHE B 9 -25.49 -10.96 23.16
C PHE B 9 -26.84 -10.28 23.37
N LYS B 10 -26.82 -9.12 24.02
CA LYS B 10 -28.05 -8.37 24.23
C LYS B 10 -27.73 -6.87 24.30
N ILE B 11 -28.52 -6.08 23.59
CA ILE B 11 -28.35 -4.63 23.55
C ILE B 11 -29.60 -4.04 24.21
N THR B 12 -29.42 -3.43 25.37
CA THR B 12 -30.54 -2.88 26.12
C THR B 12 -30.59 -1.38 26.31
N GLY B 13 -31.76 -0.88 26.69
CA GLY B 13 -31.97 0.53 26.94
C GLY B 13 -32.11 1.47 25.78
N GLY B 14 -31.89 0.98 24.56
CA GLY B 14 -31.98 1.84 23.41
C GLY B 14 -33.30 1.82 22.65
N TRP B 15 -33.33 2.58 21.55
CA TRP B 15 -34.51 2.65 20.71
C TRP B 15 -34.27 1.90 19.42
N ILE B 16 -35.17 0.97 19.12
CA ILE B 16 -35.07 0.14 17.94
C ILE B 16 -35.68 0.75 16.68
N ILE B 17 -34.89 0.82 15.62
CA ILE B 17 -35.34 1.29 14.33
C ILE B 17 -35.01 0.06 13.49
N ASP B 18 -36.02 -0.80 13.33
CA ASP B 18 -35.86 -2.07 12.63
C ASP B 18 -35.70 -2.05 11.12
N GLY B 19 -35.68 -0.87 10.51
CA GLY B 19 -35.49 -0.79 9.06
C GLY B 19 -36.76 -0.93 8.23
N THR B 20 -37.87 -1.29 8.86
CA THR B 20 -39.13 -1.45 8.15
C THR B 20 -39.82 -0.12 7.88
N GLY B 21 -39.28 0.96 8.46
CA GLY B 21 -39.88 2.27 8.28
C GLY B 21 -40.79 2.62 9.43
N ALA B 22 -41.05 1.64 10.29
CA ALA B 22 -41.91 1.84 11.44
C ALA B 22 -41.24 2.80 12.43
N PRO B 23 -42.04 3.52 13.24
CA PRO B 23 -41.50 4.47 14.21
C PRO B 23 -40.57 3.77 15.20
N ARG B 24 -39.53 4.47 15.62
CA ARG B 24 -38.57 3.91 16.58
C ARG B 24 -39.33 3.52 17.83
N ARG B 25 -38.92 2.43 18.47
CA ARG B 25 -39.59 1.98 19.70
C ARG B 25 -38.60 1.54 20.77
N ARG B 26 -38.95 1.81 22.02
CA ARG B 26 -38.10 1.44 23.15
C ARG B 26 -38.16 -0.05 23.39
N ALA B 27 -37.06 -0.75 23.14
CA ALA B 27 -37.00 -2.20 23.33
C ALA B 27 -35.56 -2.70 23.28
N ASP B 28 -35.35 -3.90 23.82
CA ASP B 28 -34.02 -4.49 23.83
C ASP B 28 -33.91 -5.52 22.72
N LEU B 29 -32.68 -5.83 22.32
CA LEU B 29 -32.46 -6.80 21.26
C LEU B 29 -31.60 -7.95 21.80
N GLY B 30 -32.06 -9.18 21.57
CA GLY B 30 -31.34 -10.34 22.03
C GLY B 30 -30.75 -11.13 20.88
N VAL B 31 -29.53 -11.62 21.05
CA VAL B 31 -28.86 -12.38 20.01
C VAL B 31 -28.45 -13.79 20.48
N ARG B 32 -28.62 -14.76 19.60
CA ARG B 32 -28.25 -16.14 19.89
C ARG B 32 -27.92 -16.88 18.60
N ASP B 33 -26.77 -17.53 18.58
CA ASP B 33 -26.31 -18.28 17.42
C ASP B 33 -26.27 -17.46 16.13
N GLY B 34 -25.81 -16.21 16.24
CA GLY B 34 -25.71 -15.35 15.08
C GLY B 34 -26.98 -14.67 14.59
N ARG B 35 -28.11 -15.04 15.18
CA ARG B 35 -29.38 -14.46 14.77
C ARG B 35 -30.07 -13.70 15.89
N ILE B 36 -31.09 -12.92 15.53
CA ILE B 36 -31.84 -12.14 16.50
C ILE B 36 -32.83 -13.10 17.17
N ALA B 37 -32.61 -13.36 18.46
CA ALA B 37 -33.45 -14.27 19.22
C ALA B 37 -34.79 -13.64 19.58
N ALA B 38 -34.77 -12.37 19.99
CA ALA B 38 -35.99 -11.68 20.37
C ALA B 38 -35.79 -10.18 20.55
N ILE B 39 -36.89 -9.45 20.54
CA ILE B 39 -36.89 -8.01 20.72
C ILE B 39 -37.96 -7.63 21.75
N GLY B 40 -37.53 -7.00 22.83
CA GLY B 40 -38.47 -6.60 23.87
C GLY B 40 -37.78 -6.35 25.20
N GLU B 41 -38.39 -6.81 26.28
CA GLU B 41 -37.84 -6.65 27.62
C GLU B 41 -36.82 -7.75 27.89
N LEU B 42 -35.55 -7.39 28.03
CA LEU B 42 -34.49 -8.36 28.28
C LEU B 42 -33.56 -7.93 29.41
N GLY B 43 -34.00 -6.95 30.19
CA GLY B 43 -33.17 -6.46 31.29
C GLY B 43 -32.74 -7.52 32.26
N ALA B 44 -33.57 -8.55 32.44
CA ALA B 44 -33.26 -9.62 33.38
C ALA B 44 -32.74 -10.89 32.70
N HIS B 45 -32.95 -10.99 31.39
CA HIS B 45 -32.51 -12.15 30.64
C HIS B 45 -30.98 -12.20 30.54
N PRO B 46 -30.37 -13.28 31.07
CA PRO B 46 -28.92 -13.45 31.05
C PRO B 46 -28.31 -13.42 29.64
N ALA B 47 -27.08 -12.95 29.55
CA ALA B 47 -26.39 -12.86 28.26
C ALA B 47 -24.87 -12.92 28.45
N ARG B 48 -24.19 -13.58 27.53
CA ARG B 48 -22.74 -13.71 27.59
C ARG B 48 -22.06 -12.38 27.34
N HIS B 49 -22.75 -11.50 26.61
CA HIS B 49 -22.25 -10.17 26.29
C HIS B 49 -23.41 -9.19 26.35
N ALA B 50 -23.13 -7.95 26.73
CA ALA B 50 -24.18 -6.95 26.83
C ALA B 50 -23.69 -5.53 26.54
N TRP B 51 -24.52 -4.77 25.84
CA TRP B 51 -24.23 -3.38 25.50
C TRP B 51 -25.35 -2.48 25.99
N ASP B 52 -24.98 -1.36 26.60
CA ASP B 52 -25.96 -0.40 27.08
C ASP B 52 -26.20 0.62 25.98
N ALA B 53 -27.35 0.52 25.33
CA ALA B 53 -27.69 1.44 24.23
C ALA B 53 -28.59 2.58 24.67
N SER B 54 -28.61 2.85 25.98
CA SER B 54 -29.42 3.94 26.51
C SER B 54 -29.10 5.24 25.76
N GLY B 55 -30.13 5.91 25.28
CA GLY B 55 -29.95 7.16 24.57
C GLY B 55 -29.41 7.00 23.15
N LYS B 56 -29.40 5.77 22.65
CA LYS B 56 -28.90 5.52 21.31
C LYS B 56 -29.89 4.73 20.45
N ILE B 57 -29.60 4.68 19.16
CA ILE B 57 -30.44 3.96 18.21
C ILE B 57 -29.83 2.60 17.90
N VAL B 58 -30.69 1.57 17.86
CA VAL B 58 -30.27 0.22 17.53
C VAL B 58 -30.93 -0.06 16.19
N ALA B 59 -30.11 -0.29 15.17
CA ALA B 59 -30.64 -0.52 13.83
C ALA B 59 -29.94 -1.65 13.11
N PRO B 60 -30.46 -2.05 11.94
CA PRO B 60 -29.82 -3.14 11.20
C PRO B 60 -28.50 -2.57 10.68
N GLY B 61 -27.50 -3.42 10.53
CA GLY B 61 -26.22 -2.96 10.02
C GLY B 61 -26.46 -2.38 8.64
N PHE B 62 -25.66 -1.39 8.26
CA PHE B 62 -25.85 -0.76 6.95
C PHE B 62 -25.29 -1.61 5.82
N ILE B 63 -25.98 -1.57 4.68
CA ILE B 63 -25.59 -2.34 3.52
C ILE B 63 -25.05 -1.40 2.44
N ASP B 64 -23.74 -1.45 2.22
CA ASP B 64 -23.09 -0.60 1.23
C ASP B 64 -23.25 -1.28 -0.13
N VAL B 65 -24.22 -0.81 -0.91
CA VAL B 65 -24.48 -1.42 -2.21
C VAL B 65 -23.49 -1.06 -3.31
N HIS B 66 -22.58 -0.14 -3.06
CA HIS B 66 -21.62 0.22 -4.10
C HIS B 66 -20.18 0.21 -3.63
N GLY B 67 -19.65 -0.98 -3.42
CA GLY B 67 -18.28 -1.08 -2.99
C GLY B 67 -17.35 -1.52 -4.11
N HIS B 68 -16.07 -1.22 -3.95
CA HIS B 68 -15.03 -1.63 -4.90
C HIS B 68 -13.98 -2.35 -4.06
N ASP B 69 -14.45 -2.94 -2.96
CA ASP B 69 -13.57 -3.64 -2.01
C ASP B 69 -13.28 -5.09 -2.37
N ASP B 70 -13.51 -5.46 -3.63
CA ASP B 70 -13.29 -6.82 -4.12
C ASP B 70 -12.06 -7.53 -3.60
N LEU B 71 -10.91 -6.87 -3.70
CA LEU B 71 -9.64 -7.45 -3.29
C LEU B 71 -9.15 -7.08 -1.90
N MET B 72 -9.92 -6.28 -1.17
CA MET B 72 -9.51 -5.85 0.16
C MET B 72 -9.60 -6.91 1.24
N PHE B 73 -10.39 -7.95 1.00
CA PHE B 73 -10.53 -9.00 2.00
C PHE B 73 -9.21 -9.74 2.16
N VAL B 74 -8.33 -9.62 1.16
CA VAL B 74 -7.02 -10.25 1.24
C VAL B 74 -5.95 -9.15 1.42
N GLU B 75 -6.15 -8.00 0.77
CA GLU B 75 -5.18 -6.90 0.87
C GLU B 75 -5.22 -6.06 2.14
N LYS B 76 -6.42 -5.79 2.65
CA LYS B 76 -6.59 -4.97 3.86
C LYS B 76 -7.77 -5.53 4.66
N PRO B 77 -7.60 -6.72 5.23
CA PRO B 77 -8.58 -7.47 6.04
C PRO B 77 -9.39 -6.73 7.10
N ASP B 78 -8.81 -5.68 7.69
CA ASP B 78 -9.52 -4.96 8.74
C ASP B 78 -10.83 -4.31 8.31
N LEU B 79 -10.90 -3.87 7.06
CA LEU B 79 -12.10 -3.21 6.52
C LEU B 79 -12.63 -2.17 7.51
N ARG B 80 -11.72 -1.50 8.21
CA ARG B 80 -12.12 -0.51 9.21
C ARG B 80 -12.91 0.66 8.63
N TRP B 81 -12.68 0.98 7.36
CA TRP B 81 -13.39 2.09 6.72
C TRP B 81 -14.88 1.76 6.59
N LYS B 82 -15.20 0.48 6.68
CA LYS B 82 -16.61 0.05 6.59
C LYS B 82 -17.23 -0.01 7.98
N THR B 83 -16.64 -0.82 8.84
CA THR B 83 -17.16 -1.00 10.20
C THR B 83 -17.29 0.29 11.01
N SER B 84 -16.33 1.20 10.84
CA SER B 84 -16.36 2.47 11.58
C SER B 84 -17.50 3.39 11.18
N GLN B 85 -18.17 3.09 10.06
CA GLN B 85 -19.31 3.92 9.68
C GLN B 85 -20.60 3.11 9.73
N GLY B 86 -20.54 1.97 10.42
CA GLY B 86 -21.72 1.13 10.61
C GLY B 86 -22.11 0.12 9.54
N ILE B 87 -21.21 -0.11 8.57
CA ILE B 87 -21.50 -1.05 7.49
C ILE B 87 -21.23 -2.51 7.86
N THR B 88 -22.22 -3.37 7.63
CA THR B 88 -22.10 -4.80 7.95
C THR B 88 -22.11 -5.70 6.72
N THR B 89 -22.48 -5.14 5.57
CA THR B 89 -22.51 -5.89 4.31
C THR B 89 -22.12 -4.97 3.17
N VAL B 90 -21.36 -5.49 2.22
CA VAL B 90 -20.95 -4.70 1.07
C VAL B 90 -21.15 -5.50 -0.20
N VAL B 91 -21.59 -4.82 -1.25
CA VAL B 91 -21.77 -5.43 -2.56
C VAL B 91 -20.59 -4.95 -3.38
N VAL B 92 -19.73 -5.88 -3.81
CA VAL B 92 -18.55 -5.54 -4.59
C VAL B 92 -18.72 -5.94 -6.06
N GLY B 93 -17.73 -5.62 -6.88
CA GLY B 93 -17.77 -5.95 -8.29
C GLY B 93 -18.59 -4.97 -9.13
N ASN B 94 -18.55 -3.70 -8.74
CA ASN B 94 -19.30 -2.66 -9.42
C ASN B 94 -18.61 -1.98 -10.59
N CYS B 95 -19.40 -1.28 -11.39
CA CYS B 95 -18.93 -0.52 -12.53
C CYS B 95 -18.17 -1.32 -13.59
N GLY B 96 -18.52 -2.60 -13.71
CA GLY B 96 -17.90 -3.46 -14.70
C GLY B 96 -16.63 -4.16 -14.30
N VAL B 97 -16.09 -3.85 -13.12
CA VAL B 97 -14.85 -4.49 -12.70
C VAL B 97 -15.04 -5.28 -11.41
N SER B 98 -14.54 -6.52 -11.43
CA SER B 98 -14.67 -7.40 -10.28
C SER B 98 -13.43 -8.25 -10.04
N ALA B 99 -13.43 -8.97 -8.92
CA ALA B 99 -12.30 -9.83 -8.55
C ALA B 99 -12.10 -10.99 -9.52
N ALA B 100 -13.17 -11.41 -10.16
CA ALA B 100 -13.12 -12.53 -11.11
C ALA B 100 -14.19 -12.33 -12.18
N PRO B 101 -14.02 -12.98 -13.35
CA PRO B 101 -12.92 -13.86 -13.74
C PRO B 101 -11.68 -13.09 -14.19
N ALA B 102 -10.54 -13.79 -14.24
CA ALA B 102 -9.28 -13.18 -14.64
C ALA B 102 -9.23 -12.96 -16.14
N PRO B 103 -8.54 -11.89 -16.57
CA PRO B 103 -8.42 -11.60 -18.01
C PRO B 103 -7.46 -12.52 -18.74
N LEU B 104 -7.62 -12.59 -20.05
CA LEU B 104 -6.73 -13.40 -20.87
C LEU B 104 -5.38 -12.69 -20.79
N PRO B 105 -4.29 -13.43 -20.98
CA PRO B 105 -2.96 -12.82 -20.92
C PRO B 105 -2.86 -11.62 -21.86
N GLY B 106 -2.35 -10.50 -21.36
CA GLY B 106 -2.20 -9.32 -22.19
C GLY B 106 -3.41 -8.40 -22.23
N ASN B 107 -4.51 -8.83 -21.62
CA ASN B 107 -5.72 -8.01 -21.60
C ASN B 107 -5.82 -7.25 -20.28
N THR B 108 -6.00 -5.94 -20.38
CA THR B 108 -6.14 -5.13 -19.17
C THR B 108 -7.02 -3.92 -19.46
N ALA B 109 -7.33 -3.18 -18.40
CA ALA B 109 -8.17 -1.99 -18.53
C ALA B 109 -7.83 -1.07 -17.37
N ALA B 110 -7.81 0.23 -17.64
CA ALA B 110 -7.48 1.23 -16.62
C ALA B 110 -8.40 1.15 -15.41
N ALA B 111 -9.68 0.88 -15.63
CA ALA B 111 -10.66 0.80 -14.55
C ALA B 111 -10.38 -0.29 -13.53
N LEU B 112 -9.52 -1.25 -13.89
CA LEU B 112 -9.20 -2.32 -12.95
C LEU B 112 -8.46 -1.73 -11.75
N ALA B 113 -7.94 -0.52 -11.91
CA ALA B 113 -7.22 0.15 -10.83
C ALA B 113 -8.16 0.50 -9.68
N LEU B 114 -9.47 0.43 -9.93
CA LEU B 114 -10.43 0.73 -8.88
C LEU B 114 -10.44 -0.43 -7.89
N LEU B 115 -9.86 -1.56 -8.29
CA LEU B 115 -9.82 -2.76 -7.44
C LEU B 115 -8.54 -2.96 -6.62
N GLY B 116 -7.40 -2.82 -7.26
CA GLY B 116 -6.14 -3.02 -6.55
C GLY B 116 -5.08 -3.75 -7.36
N GLU B 117 -4.00 -4.15 -6.69
CA GLU B 117 -2.89 -4.84 -7.35
C GLU B 117 -2.88 -6.36 -7.27
N THR B 118 -3.60 -6.94 -6.31
CA THR B 118 -3.64 -8.39 -6.17
C THR B 118 -4.14 -9.01 -7.48
N PRO B 119 -3.42 -10.01 -8.01
CA PRO B 119 -3.86 -10.63 -9.26
C PRO B 119 -5.30 -11.13 -9.12
N LEU B 120 -6.09 -10.98 -10.18
CA LEU B 120 -7.48 -11.41 -10.13
C LEU B 120 -7.65 -12.93 -10.01
N PHE B 121 -8.82 -13.32 -9.54
CA PHE B 121 -9.14 -14.74 -9.37
C PHE B 121 -9.63 -15.33 -10.69
N ALA B 122 -9.32 -16.61 -10.89
CA ALA B 122 -9.70 -17.31 -12.12
C ALA B 122 -11.19 -17.18 -12.44
N ASP B 123 -12.03 -17.46 -11.45
CA ASP B 123 -13.47 -17.38 -11.61
C ASP B 123 -14.15 -17.13 -10.27
N VAL B 124 -15.46 -16.97 -10.27
CA VAL B 124 -16.18 -16.70 -9.03
C VAL B 124 -16.03 -17.82 -8.00
N PRO B 125 -16.10 -19.10 -8.43
CA PRO B 125 -15.94 -20.15 -7.42
C PRO B 125 -14.61 -20.03 -6.69
N ALA B 126 -13.56 -19.66 -7.42
CA ALA B 126 -12.23 -19.51 -6.82
C ALA B 126 -12.22 -18.34 -5.85
N TYR B 127 -12.85 -17.25 -6.24
CA TYR B 127 -12.93 -16.04 -5.41
C TYR B 127 -13.68 -16.35 -4.11
N PHE B 128 -14.84 -16.98 -4.23
CA PHE B 128 -15.63 -17.32 -3.05
C PHE B 128 -14.92 -18.34 -2.17
N ALA B 129 -14.15 -19.24 -2.78
CA ALA B 129 -13.42 -20.25 -2.03
C ALA B 129 -12.37 -19.57 -1.16
N ALA B 130 -11.74 -18.54 -1.73
CA ALA B 130 -10.72 -17.79 -1.01
C ALA B 130 -11.34 -17.05 0.16
N LEU B 131 -12.54 -16.50 -0.05
CA LEU B 131 -13.24 -15.79 1.02
C LEU B 131 -13.67 -16.75 2.11
N ASP B 132 -14.05 -17.97 1.74
CA ASP B 132 -14.45 -18.96 2.73
C ASP B 132 -13.27 -19.35 3.61
N ALA B 133 -12.07 -19.36 3.01
CA ALA B 133 -10.85 -19.72 3.73
C ALA B 133 -10.37 -18.58 4.62
N GLN B 134 -10.48 -17.35 4.12
CA GLN B 134 -10.08 -16.16 4.87
C GLN B 134 -11.33 -15.29 4.98
N ARG B 135 -12.21 -15.67 5.89
CA ARG B 135 -13.48 -14.96 6.10
C ARG B 135 -13.35 -13.46 6.21
N PRO B 136 -14.27 -12.73 5.54
CA PRO B 136 -14.27 -11.26 5.56
C PRO B 136 -14.80 -10.69 6.87
N MET B 137 -14.37 -9.47 7.19
CA MET B 137 -14.79 -8.81 8.42
C MET B 137 -16.30 -8.55 8.42
N ILE B 138 -16.84 -8.24 7.24
CA ILE B 138 -18.27 -8.00 7.08
C ILE B 138 -18.79 -8.93 6.00
N ASN B 139 -20.11 -8.97 5.82
CA ASN B 139 -20.71 -9.83 4.80
C ASN B 139 -20.36 -9.31 3.41
N VAL B 140 -20.21 -10.23 2.46
CA VAL B 140 -19.85 -9.86 1.11
C VAL B 140 -20.71 -10.50 0.03
N ALA B 141 -21.27 -9.67 -0.84
CA ALA B 141 -22.06 -10.13 -1.97
C ALA B 141 -21.25 -9.63 -3.17
N ALA B 142 -21.23 -10.40 -4.24
CA ALA B 142 -20.44 -10.00 -5.39
C ALA B 142 -21.14 -10.04 -6.73
N LEU B 143 -20.84 -9.02 -7.52
CA LEU B 143 -21.35 -8.90 -8.88
C LEU B 143 -20.17 -9.28 -9.77
N VAL B 144 -20.45 -9.77 -10.97
CA VAL B 144 -19.38 -10.11 -11.89
C VAL B 144 -19.32 -8.94 -12.88
N GLY B 145 -18.11 -8.46 -13.16
CA GLY B 145 -17.96 -7.32 -14.03
C GLY B 145 -17.96 -7.59 -15.53
N HIS B 146 -18.69 -6.76 -16.27
CA HIS B 146 -18.78 -6.88 -17.72
C HIS B 146 -17.39 -6.68 -18.34
N ALA B 147 -16.58 -5.81 -17.75
CA ALA B 147 -15.24 -5.61 -18.28
C ALA B 147 -14.47 -6.94 -18.12
N ASN B 148 -14.63 -7.59 -16.97
CA ASN B 148 -13.95 -8.86 -16.75
C ASN B 148 -14.39 -9.88 -17.81
N LEU B 149 -15.68 -9.89 -18.12
CA LEU B 149 -16.18 -10.83 -19.11
C LEU B 149 -15.54 -10.58 -20.46
N ARG B 150 -15.47 -9.33 -20.89
CA ARG B 150 -14.84 -9.03 -22.18
C ARG B 150 -13.35 -9.36 -22.16
N LEU B 151 -12.67 -9.01 -21.08
CA LEU B 151 -11.24 -9.26 -20.98
C LEU B 151 -10.90 -10.74 -20.88
N ALA B 152 -11.84 -11.54 -20.39
CA ALA B 152 -11.61 -12.98 -20.26
C ALA B 152 -12.02 -13.78 -21.50
N ALA B 153 -12.98 -13.24 -22.25
CA ALA B 153 -13.49 -13.94 -23.43
C ALA B 153 -13.01 -13.46 -24.79
N MET B 154 -12.62 -12.19 -24.89
CA MET B 154 -12.21 -11.62 -26.17
C MET B 154 -10.72 -11.35 -26.32
N ARG B 155 -10.10 -11.98 -27.29
CA ARG B 155 -8.67 -11.74 -27.52
C ARG B 155 -8.43 -10.28 -27.89
N ASP B 156 -9.46 -9.62 -28.42
CA ASP B 156 -9.39 -8.19 -28.72
C ASP B 156 -10.63 -7.57 -28.09
N PRO B 157 -10.53 -7.15 -26.82
CA PRO B 157 -11.64 -6.53 -26.09
C PRO B 157 -12.10 -5.18 -26.61
N GLN B 158 -11.51 -4.70 -27.69
CA GLN B 158 -11.91 -3.42 -28.27
C GLN B 158 -12.74 -3.61 -29.53
N ALA B 159 -12.96 -4.87 -29.89
CA ALA B 159 -13.74 -5.19 -31.09
C ALA B 159 -15.17 -5.59 -30.73
N ALA B 160 -15.98 -5.83 -31.76
CA ALA B 160 -17.35 -6.28 -31.56
C ALA B 160 -17.20 -7.79 -31.40
N PRO B 161 -17.91 -8.39 -30.43
CA PRO B 161 -17.78 -9.83 -30.26
C PRO B 161 -18.35 -10.68 -31.38
N THR B 162 -17.67 -11.79 -31.67
CA THR B 162 -18.17 -12.71 -32.68
C THR B 162 -19.32 -13.40 -31.96
N ALA B 163 -20.13 -14.17 -32.68
CA ALA B 163 -21.24 -14.84 -32.02
C ALA B 163 -20.75 -15.76 -30.91
N ALA B 164 -19.67 -16.49 -31.18
CA ALA B 164 -19.10 -17.41 -30.19
C ALA B 164 -18.58 -16.67 -28.97
N GLU B 165 -18.01 -15.48 -29.17
CA GLU B 165 -17.50 -14.71 -28.03
C GLU B 165 -18.65 -14.21 -27.17
N GLN B 166 -19.75 -13.81 -27.81
CA GLN B 166 -20.93 -13.33 -27.09
C GLN B 166 -21.46 -14.49 -26.25
N GLN B 167 -21.52 -15.67 -26.87
CA GLN B 167 -22.00 -16.86 -26.17
C GLN B 167 -21.09 -17.17 -24.99
N ALA B 168 -19.79 -17.04 -25.20
CA ALA B 168 -18.81 -17.31 -24.16
C ALA B 168 -19.03 -16.38 -22.97
N MET B 169 -19.26 -15.10 -23.24
CA MET B 169 -19.48 -14.14 -22.15
C MET B 169 -20.76 -14.49 -21.40
N GLN B 170 -21.79 -14.92 -22.13
CA GLN B 170 -23.03 -15.30 -21.50
C GLN B 170 -22.83 -16.52 -20.60
N ASP B 171 -22.08 -17.50 -21.10
CA ASP B 171 -21.83 -18.70 -20.30
C ASP B 171 -20.98 -18.38 -19.09
N MET B 172 -20.05 -17.43 -19.23
CA MET B 172 -19.22 -17.04 -18.10
C MET B 172 -20.10 -16.38 -17.04
N LEU B 173 -21.05 -15.57 -17.50
CA LEU B 173 -21.96 -14.89 -16.58
C LEU B 173 -22.83 -15.94 -15.88
N GLN B 174 -23.33 -16.89 -16.67
CA GLN B 174 -24.17 -17.94 -16.12
C GLN B 174 -23.44 -18.69 -15.02
N ALA B 175 -22.17 -18.99 -15.27
CA ALA B 175 -21.35 -19.71 -14.31
C ALA B 175 -21.17 -18.88 -13.03
N ALA B 176 -20.97 -17.58 -13.19
CA ALA B 176 -20.80 -16.72 -12.04
C ALA B 176 -22.08 -16.69 -11.21
N LEU B 177 -23.22 -16.61 -11.89
CA LEU B 177 -24.50 -16.57 -11.19
C LEU B 177 -24.78 -17.90 -10.49
N GLU B 178 -24.43 -19.01 -11.14
CA GLU B 178 -24.64 -20.32 -10.53
C GLU B 178 -23.74 -20.46 -9.30
N ALA B 179 -22.63 -19.74 -9.31
CA ALA B 179 -21.68 -19.77 -8.19
C ALA B 179 -22.15 -18.90 -7.04
N GLY B 180 -23.13 -18.03 -7.30
CA GLY B 180 -23.64 -17.18 -6.23
C GLY B 180 -23.54 -15.69 -6.44
N ALA B 181 -23.03 -15.25 -7.58
CA ALA B 181 -22.94 -13.81 -7.85
C ALA B 181 -24.37 -13.28 -7.88
N VAL B 182 -24.58 -12.07 -7.37
CA VAL B 182 -25.91 -11.47 -7.33
C VAL B 182 -26.34 -10.82 -8.64
N GLY B 183 -25.44 -10.82 -9.62
CA GLY B 183 -25.74 -10.22 -10.92
C GLY B 183 -24.46 -9.79 -11.58
N PHE B 184 -24.57 -8.94 -12.60
CA PHE B 184 -23.40 -8.42 -13.29
C PHE B 184 -23.48 -6.90 -13.33
N SER B 185 -22.33 -6.25 -13.46
CA SER B 185 -22.28 -4.80 -13.52
C SER B 185 -21.63 -4.34 -14.81
N THR B 186 -22.00 -3.16 -15.26
CA THR B 186 -21.42 -2.56 -16.45
C THR B 186 -20.77 -1.24 -16.09
N GLY B 187 -19.75 -0.88 -16.87
CA GLY B 187 -19.05 0.38 -16.69
C GLY B 187 -18.99 0.92 -18.11
N LEU B 188 -20.13 1.41 -18.59
CA LEU B 188 -20.20 1.88 -19.95
C LEU B 188 -19.43 3.15 -20.26
N ALA B 189 -18.95 3.82 -19.22
CA ALA B 189 -18.16 5.03 -19.39
C ALA B 189 -16.68 4.66 -19.55
N TYR B 190 -16.36 3.39 -19.30
CA TYR B 190 -14.99 2.90 -19.37
C TYR B 190 -14.71 1.88 -20.46
N GLN B 191 -13.43 1.75 -20.80
CA GLN B 191 -13.02 0.74 -21.75
C GLN B 191 -12.87 -0.52 -20.90
N PRO B 192 -13.20 -1.69 -21.44
CA PRO B 192 -13.68 -1.95 -22.80
C PRO B 192 -15.20 -1.98 -22.93
N GLY B 193 -15.89 -1.86 -21.80
CA GLY B 193 -17.35 -1.91 -21.82
C GLY B 193 -18.04 -0.90 -22.73
N ALA B 194 -17.42 0.26 -22.88
CA ALA B 194 -17.98 1.31 -23.72
C ALA B 194 -18.14 0.88 -25.17
N VAL B 195 -17.37 -0.14 -25.56
CA VAL B 195 -17.44 -0.64 -26.93
C VAL B 195 -18.71 -1.44 -27.19
N ALA B 196 -19.29 -2.01 -26.14
CA ALA B 196 -20.49 -2.83 -26.26
C ALA B 196 -21.71 -2.11 -26.82
N GLN B 197 -22.47 -2.85 -27.62
CA GLN B 197 -23.69 -2.34 -28.23
C GLN B 197 -24.88 -3.03 -27.54
N ALA B 198 -26.08 -2.55 -27.81
CA ALA B 198 -27.28 -3.09 -27.19
C ALA B 198 -27.42 -4.61 -27.21
N ALA B 199 -27.21 -5.23 -28.37
CA ALA B 199 -27.35 -6.68 -28.50
C ALA B 199 -26.49 -7.43 -27.50
N GLU B 200 -25.26 -6.95 -27.29
CA GLU B 200 -24.34 -7.58 -26.35
C GLU B 200 -24.82 -7.45 -24.92
N LEU B 201 -25.22 -6.23 -24.54
CA LEU B 201 -25.69 -5.97 -23.19
C LEU B 201 -27.02 -6.68 -22.91
N GLU B 202 -27.89 -6.74 -23.91
CA GLU B 202 -29.16 -7.41 -23.75
C GLU B 202 -28.96 -8.93 -23.60
N GLY B 203 -27.98 -9.47 -24.35
CA GLY B 203 -27.71 -10.89 -24.27
C GLY B 203 -27.33 -11.27 -22.85
N LEU B 204 -26.50 -10.44 -22.23
CA LEU B 204 -26.07 -10.68 -20.86
C LEU B 204 -27.24 -10.46 -19.90
N ALA B 205 -28.00 -9.40 -20.11
CA ALA B 205 -29.14 -9.10 -19.25
C ALA B 205 -30.19 -10.22 -19.27
N ARG B 206 -30.30 -10.93 -20.39
CA ARG B 206 -31.26 -12.03 -20.48
C ARG B 206 -30.83 -13.18 -19.58
N VAL B 207 -29.52 -13.42 -19.53
CA VAL B 207 -28.98 -14.48 -18.70
C VAL B 207 -29.29 -14.15 -17.24
N ALA B 208 -29.08 -12.89 -16.85
CA ALA B 208 -29.34 -12.49 -15.48
C ALA B 208 -30.83 -12.49 -15.16
N ALA B 209 -31.65 -12.02 -16.11
CA ALA B 209 -33.09 -11.97 -15.90
C ALA B 209 -33.69 -13.36 -15.69
N GLU B 210 -33.23 -14.33 -16.47
CA GLU B 210 -33.75 -15.69 -16.36
C GLU B 210 -33.53 -16.26 -14.96
N ARG B 211 -32.47 -15.81 -14.30
CA ARG B 211 -32.15 -16.29 -12.96
C ARG B 211 -32.54 -15.29 -11.87
N ARG B 212 -33.29 -14.27 -12.28
CA ARG B 212 -33.74 -13.23 -11.36
C ARG B 212 -32.57 -12.57 -10.65
N ARG B 213 -31.54 -12.24 -11.42
CA ARG B 213 -30.35 -11.57 -10.88
C ARG B 213 -30.29 -10.16 -11.43
N LEU B 214 -29.36 -9.37 -10.91
CA LEU B 214 -29.26 -7.97 -11.30
C LEU B 214 -28.28 -7.54 -12.38
N HIS B 215 -28.58 -6.35 -12.91
CA HIS B 215 -27.71 -5.64 -13.84
C HIS B 215 -27.54 -4.30 -13.15
N THR B 216 -26.36 -4.05 -12.57
CA THR B 216 -26.11 -2.76 -11.94
C THR B 216 -25.24 -2.04 -12.95
N SER B 217 -25.43 -0.73 -13.10
CA SER B 217 -24.66 -0.03 -14.11
C SER B 217 -24.11 1.35 -13.82
N HIS B 218 -22.84 1.53 -14.20
CA HIS B 218 -22.20 2.83 -14.15
C HIS B 218 -22.51 3.15 -15.61
N ILE B 219 -23.48 4.03 -15.82
CA ILE B 219 -23.93 4.35 -17.17
C ILE B 219 -22.90 4.98 -18.11
N ARG B 220 -23.24 4.99 -19.39
CA ARG B 220 -22.34 5.47 -20.44
C ARG B 220 -21.76 6.87 -20.27
N ASN B 221 -22.58 7.81 -19.82
CA ASN B 221 -22.13 9.18 -19.63
C ASN B 221 -22.96 9.82 -18.55
N GLU B 222 -22.33 10.57 -17.66
CA GLU B 222 -23.04 11.21 -16.57
C GLU B 222 -22.98 12.73 -16.61
N ALA B 223 -22.73 13.26 -17.80
CA ALA B 223 -22.67 14.71 -18.01
C ALA B 223 -23.67 15.08 -19.12
N ASP B 224 -23.17 15.57 -20.25
CA ASP B 224 -24.05 15.97 -21.35
C ASP B 224 -24.98 14.87 -21.85
N GLY B 225 -24.54 13.62 -21.78
CA GLY B 225 -25.37 12.53 -22.26
C GLY B 225 -26.04 11.70 -21.17
N VAL B 226 -26.19 12.29 -19.99
CA VAL B 226 -26.77 11.58 -18.87
C VAL B 226 -28.20 11.06 -19.08
N GLU B 227 -29.06 11.85 -19.71
CA GLU B 227 -30.43 11.40 -19.92
C GLU B 227 -30.48 10.22 -20.88
N ALA B 228 -29.69 10.28 -21.95
CA ALA B 228 -29.67 9.19 -22.91
C ALA B 228 -29.03 7.96 -22.27
N ALA B 229 -28.06 8.18 -21.39
CA ALA B 229 -27.38 7.08 -20.71
C ALA B 229 -28.34 6.33 -19.79
N VAL B 230 -29.20 7.06 -19.09
CA VAL B 230 -30.18 6.42 -18.20
C VAL B 230 -31.18 5.65 -19.06
N GLU B 231 -31.65 6.28 -20.13
CA GLU B 231 -32.62 5.63 -21.02
C GLU B 231 -32.03 4.35 -21.61
N GLU B 232 -30.73 4.36 -21.90
CA GLU B 232 -30.08 3.19 -22.48
C GLU B 232 -30.18 1.97 -21.55
N VAL B 233 -29.91 2.15 -20.27
CA VAL B 233 -30.00 1.02 -19.35
C VAL B 233 -31.44 0.66 -19.03
N LEU B 234 -32.35 1.63 -19.11
CA LEU B 234 -33.75 1.34 -18.86
C LEU B 234 -34.26 0.50 -20.03
N ALA B 235 -33.78 0.83 -21.24
CA ALA B 235 -34.18 0.10 -22.44
C ALA B 235 -33.75 -1.36 -22.34
N ILE B 236 -32.58 -1.61 -21.76
CA ILE B 236 -32.10 -2.98 -21.59
C ILE B 236 -33.05 -3.68 -20.62
N GLY B 237 -33.49 -2.93 -19.60
CA GLY B 237 -34.41 -3.49 -18.62
C GLY B 237 -35.76 -3.83 -19.23
N ARG B 238 -36.24 -2.98 -20.14
CA ARG B 238 -37.53 -3.22 -20.76
C ARG B 238 -37.45 -4.39 -21.74
N GLY B 239 -36.34 -4.47 -22.47
CA GLY B 239 -36.18 -5.54 -23.45
C GLY B 239 -35.86 -6.91 -22.91
N THR B 240 -35.43 -6.99 -21.65
CA THR B 240 -35.06 -8.26 -21.06
C THR B 240 -35.76 -8.58 -19.75
N GLY B 241 -36.33 -7.56 -19.12
CA GLY B 241 -37.00 -7.77 -17.84
C GLY B 241 -36.02 -7.93 -16.70
N CYS B 242 -34.76 -7.57 -16.95
CA CYS B 242 -33.72 -7.70 -15.93
C CYS B 242 -33.81 -6.62 -14.85
N ALA B 243 -33.76 -7.03 -13.59
CA ALA B 243 -33.79 -6.09 -12.47
C ALA B 243 -32.57 -5.22 -12.68
N THR B 244 -32.74 -3.91 -12.49
CA THR B 244 -31.68 -2.94 -12.75
C THR B 244 -31.38 -1.97 -11.60
N VAL B 245 -30.12 -1.55 -11.52
CA VAL B 245 -29.72 -0.57 -10.51
C VAL B 245 -28.83 0.46 -11.21
N VAL B 246 -29.20 1.74 -11.07
CA VAL B 246 -28.42 2.82 -11.66
C VAL B 246 -27.44 3.25 -10.56
N SER B 247 -26.16 2.91 -10.76
CA SER B 247 -25.12 3.22 -9.79
C SER B 247 -24.79 4.71 -9.66
N HIS B 248 -24.43 5.11 -8.45
CA HIS B 248 -24.04 6.48 -8.13
C HIS B 248 -24.63 7.51 -9.10
N HIS B 249 -25.95 7.61 -9.08
CA HIS B 249 -26.62 8.52 -10.00
C HIS B 249 -26.27 9.97 -9.69
N LYS B 250 -25.96 10.72 -10.74
CA LYS B 250 -25.56 12.11 -10.62
C LYS B 250 -25.57 12.82 -11.97
N CYS B 251 -25.44 14.13 -11.93
CA CYS B 251 -25.37 14.96 -13.13
C CYS B 251 -24.12 15.82 -12.98
N MET B 252 -23.13 15.57 -13.84
CA MET B 252 -21.87 16.29 -13.80
C MET B 252 -21.81 17.50 -14.73
N MET B 253 -21.18 18.56 -14.23
CA MET B 253 -20.99 19.83 -14.94
C MET B 253 -22.23 20.71 -14.86
N PRO B 254 -22.04 22.02 -14.58
CA PRO B 254 -23.10 23.01 -14.45
C PRO B 254 -24.22 22.98 -15.49
N GLN B 255 -23.85 22.77 -16.75
CA GLN B 255 -24.88 22.75 -17.80
C GLN B 255 -25.82 21.57 -17.68
N ASN B 256 -25.48 20.59 -16.85
CA ASN B 256 -26.32 19.42 -16.69
C ASN B 256 -27.01 19.35 -15.35
N TRP B 257 -26.73 20.31 -14.47
CA TRP B 257 -27.36 20.32 -13.17
C TRP B 257 -28.86 20.47 -13.30
N GLY B 258 -29.60 19.60 -12.61
CA GLY B 258 -31.05 19.65 -12.65
C GLY B 258 -31.66 18.61 -13.57
N ARG B 259 -30.83 17.98 -14.39
CA ARG B 259 -31.34 16.98 -15.33
C ARG B 259 -31.83 15.71 -14.65
N SER B 260 -31.60 15.59 -13.35
CA SER B 260 -32.06 14.41 -12.62
C SER B 260 -33.58 14.42 -12.53
N ARG B 261 -34.18 15.59 -12.71
CA ARG B 261 -35.64 15.63 -12.66
C ARG B 261 -36.16 14.78 -13.82
N ALA B 262 -35.49 14.88 -14.97
CA ALA B 262 -35.88 14.12 -16.15
C ALA B 262 -35.51 12.64 -16.01
N THR B 263 -34.30 12.35 -15.51
CA THR B 263 -33.90 10.95 -15.37
C THR B 263 -34.71 10.20 -14.33
N LEU B 264 -34.99 10.85 -13.20
CA LEU B 264 -35.78 10.20 -12.16
C LEU B 264 -37.21 9.96 -12.64
N ALA B 265 -37.73 10.89 -13.44
CA ALA B 265 -39.08 10.74 -13.98
C ALA B 265 -39.10 9.56 -14.94
N ASN B 266 -38.04 9.44 -15.74
CA ASN B 266 -37.92 8.35 -16.71
C ASN B 266 -37.82 7.01 -15.96
N ILE B 267 -37.02 7.00 -14.90
CA ILE B 267 -36.86 5.81 -14.08
C ILE B 267 -38.22 5.41 -13.50
N ASP B 268 -38.95 6.39 -12.97
CA ASP B 268 -40.25 6.13 -12.38
C ASP B 268 -41.23 5.54 -13.38
N ARG B 269 -41.24 6.08 -14.60
CA ARG B 269 -42.13 5.57 -15.63
C ARG B 269 -41.74 4.16 -16.02
N ALA B 270 -40.44 3.86 -15.98
CA ALA B 270 -39.98 2.53 -16.32
C ALA B 270 -40.50 1.56 -15.26
N ARG B 271 -40.50 1.97 -14.00
CA ARG B 271 -41.00 1.11 -12.95
C ARG B 271 -42.49 0.89 -13.19
N GLU B 272 -43.17 1.93 -13.67
CA GLU B 272 -44.60 1.85 -13.98
C GLU B 272 -44.83 0.77 -15.02
N GLN B 273 -43.89 0.64 -15.96
CA GLN B 273 -43.99 -0.34 -17.03
C GLN B 273 -43.70 -1.76 -16.57
N GLY B 274 -43.04 -1.90 -15.42
CA GLY B 274 -42.73 -3.23 -14.92
C GLY B 274 -41.26 -3.48 -14.70
N VAL B 275 -40.43 -2.48 -15.00
CA VAL B 275 -39.00 -2.65 -14.80
C VAL B 275 -38.70 -2.53 -13.31
N GLU B 276 -38.00 -3.52 -12.77
CA GLU B 276 -37.62 -3.51 -11.37
C GLU B 276 -36.34 -2.68 -11.38
N VAL B 277 -36.40 -1.46 -10.87
CA VAL B 277 -35.24 -0.59 -10.88
C VAL B 277 -35.06 0.24 -9.63
N ALA B 278 -33.81 0.40 -9.23
CA ALA B 278 -33.45 1.19 -8.06
C ALA B 278 -32.19 1.95 -8.43
N LEU B 279 -31.70 2.76 -7.49
CA LEU B 279 -30.50 3.53 -7.72
C LEU B 279 -29.80 3.78 -6.40
N ASP B 280 -28.60 4.35 -6.46
CA ASP B 280 -27.88 4.67 -5.24
C ASP B 280 -27.01 5.91 -5.45
N ILE B 281 -26.61 6.52 -4.34
CA ILE B 281 -25.76 7.70 -4.37
C ILE B 281 -24.84 7.70 -3.17
N TYR B 282 -23.80 8.53 -3.25
CA TYR B 282 -22.91 8.76 -2.11
C TYR B 282 -23.21 10.24 -1.89
N PRO B 283 -23.26 10.67 -0.63
CA PRO B 283 -23.56 12.05 -0.25
C PRO B 283 -22.51 13.14 -0.43
N TYR B 284 -21.98 13.27 -1.65
CA TYR B 284 -20.96 14.28 -1.95
C TYR B 284 -21.13 14.84 -3.36
N PRO B 285 -20.73 16.11 -3.58
CA PRO B 285 -20.84 16.77 -4.88
C PRO B 285 -19.63 16.63 -5.79
N GLY B 286 -18.79 15.64 -5.51
CA GLY B 286 -17.61 15.41 -6.33
C GLY B 286 -17.48 13.92 -6.56
N SER B 287 -17.05 13.52 -7.75
CA SER B 287 -16.88 12.10 -8.06
C SER B 287 -15.40 11.76 -7.94
N SER B 288 -15.06 10.50 -8.17
CA SER B 288 -13.66 10.10 -8.10
C SER B 288 -13.46 8.79 -8.85
N THR B 289 -12.53 8.80 -9.79
CA THR B 289 -12.23 7.62 -10.57
C THR B 289 -10.89 7.83 -11.26
N ILE B 290 -10.60 7.03 -12.26
CA ILE B 290 -9.32 7.18 -12.97
C ILE B 290 -9.22 8.57 -13.59
N LEU B 291 -7.98 9.02 -13.79
CA LEU B 291 -7.74 10.32 -14.40
C LEU B 291 -8.02 10.19 -15.89
N ILE B 292 -8.90 11.03 -16.40
CA ILE B 292 -9.30 11.02 -17.80
C ILE B 292 -8.84 12.30 -18.48
N PRO B 293 -7.79 12.21 -19.31
CA PRO B 293 -7.27 13.40 -20.01
C PRO B 293 -8.30 14.22 -20.77
N GLU B 294 -9.30 13.54 -21.33
CA GLU B 294 -10.35 14.21 -22.09
C GLU B 294 -11.16 15.21 -21.26
N ARG B 295 -11.04 15.14 -19.94
CA ARG B 295 -11.75 16.06 -19.06
C ARG B 295 -10.88 17.24 -18.64
N ALA B 296 -9.61 17.21 -19.05
CA ALA B 296 -8.67 18.27 -18.68
C ALA B 296 -9.16 19.68 -18.95
N GLU B 297 -9.86 19.88 -20.06
CA GLU B 297 -10.36 21.21 -20.42
C GLU B 297 -11.87 21.35 -20.26
N THR B 298 -12.51 20.42 -19.55
CA THR B 298 -13.95 20.51 -19.36
C THR B 298 -14.34 20.63 -17.90
N ILE B 299 -13.46 20.21 -17.00
CA ILE B 299 -13.73 20.28 -15.57
C ILE B 299 -12.55 20.92 -14.86
N ASP B 300 -12.82 21.98 -14.10
CA ASP B 300 -11.77 22.67 -13.35
C ASP B 300 -11.53 22.00 -12.00
N ASP B 301 -10.40 22.30 -11.39
CA ASP B 301 -10.02 21.74 -10.10
C ASP B 301 -9.91 20.21 -10.03
N ILE B 302 -9.53 19.59 -11.14
CA ILE B 302 -9.32 18.15 -11.14
C ILE B 302 -8.18 17.95 -10.14
N ARG B 303 -8.43 17.16 -9.10
CA ARG B 303 -7.41 16.94 -8.07
C ARG B 303 -6.99 15.49 -8.03
N ILE B 304 -5.68 15.27 -8.13
CA ILE B 304 -5.12 13.93 -8.16
C ILE B 304 -5.29 13.16 -6.83
N THR B 305 -5.69 11.89 -6.94
CA THR B 305 -5.87 11.02 -5.78
C THR B 305 -4.72 10.02 -5.68
N TRP B 306 -4.07 9.77 -6.81
CA TRP B 306 -2.92 8.88 -6.89
C TRP B 306 -2.35 8.95 -8.29
N SER B 307 -1.07 8.59 -8.43
CA SER B 307 -0.40 8.57 -9.72
C SER B 307 0.80 7.64 -9.57
N THR B 308 0.85 6.61 -10.39
CA THR B 308 1.96 5.67 -10.31
C THR B 308 3.30 6.32 -10.68
N PRO B 309 3.37 7.04 -11.82
CA PRO B 309 4.67 7.66 -12.15
C PRO B 309 5.01 8.89 -11.30
N HIS B 310 3.98 9.57 -10.83
CA HIS B 310 4.19 10.78 -10.05
C HIS B 310 3.39 10.78 -8.75
N PRO B 311 3.75 9.89 -7.81
CA PRO B 311 3.05 9.81 -6.53
C PRO B 311 3.11 11.08 -5.70
N GLU B 312 4.04 11.97 -6.04
CA GLU B 312 4.19 13.22 -5.32
C GLU B 312 3.01 14.16 -5.64
N CYS B 313 2.34 13.92 -6.76
CA CYS B 313 1.23 14.76 -7.19
C CYS B 313 -0.11 14.52 -6.49
N SER B 314 -0.20 13.48 -5.68
CA SER B 314 -1.45 13.23 -4.97
C SER B 314 -1.81 14.49 -4.17
N GLY B 315 -3.07 14.90 -4.27
CA GLY B 315 -3.54 16.08 -3.57
C GLY B 315 -3.41 17.38 -4.33
N GLU B 316 -2.71 17.34 -5.47
CA GLU B 316 -2.50 18.54 -6.28
C GLU B 316 -3.50 18.72 -7.42
N TYR B 317 -3.70 19.97 -7.84
CA TYR B 317 -4.60 20.28 -8.94
C TYR B 317 -3.90 20.09 -10.27
N LEU B 318 -4.61 19.50 -11.23
CA LEU B 318 -4.06 19.27 -12.55
C LEU B 318 -3.52 20.57 -13.16
N ALA B 319 -4.25 21.66 -12.97
CA ALA B 319 -3.82 22.95 -13.53
C ALA B 319 -2.48 23.40 -12.95
N ASP B 320 -2.29 23.18 -11.65
CA ASP B 320 -1.04 23.57 -11.01
C ASP B 320 0.12 22.71 -11.49
N ILE B 321 -0.14 21.41 -11.64
CA ILE B 321 0.90 20.48 -12.10
C ILE B 321 1.34 20.89 -13.50
N ALA B 322 0.37 21.11 -14.38
CA ALA B 322 0.66 21.51 -15.76
C ALA B 322 1.44 22.82 -15.80
N ALA B 323 1.05 23.80 -14.98
CA ALA B 323 1.72 25.08 -14.95
C ALA B 323 3.18 24.90 -14.53
N ARG B 324 3.39 24.07 -13.51
CA ARG B 324 4.73 23.82 -13.01
C ARG B 324 5.60 23.13 -14.06
N TRP B 325 4.99 22.22 -14.83
CA TRP B 325 5.73 21.49 -15.86
C TRP B 325 5.89 22.25 -17.17
N GLY B 326 5.09 23.31 -17.33
CA GLY B 326 5.17 24.09 -18.55
C GLY B 326 4.51 23.44 -19.75
N CYS B 327 3.45 22.66 -19.49
CA CYS B 327 2.72 21.99 -20.57
C CYS B 327 1.23 22.21 -20.33
N ASP B 328 0.39 21.85 -21.30
CA ASP B 328 -1.05 22.04 -21.09
C ASP B 328 -1.58 20.94 -20.19
N LYS B 329 -2.80 21.11 -19.70
CA LYS B 329 -3.39 20.14 -18.80
C LYS B 329 -3.59 18.74 -19.37
N THR B 330 -3.93 18.65 -20.65
CA THR B 330 -4.14 17.35 -21.25
C THR B 330 -2.82 16.57 -21.28
N THR B 331 -1.74 17.26 -21.63
CA THR B 331 -0.43 16.62 -21.67
C THR B 331 -0.03 16.20 -20.25
N ALA B 332 -0.25 17.07 -19.28
CA ALA B 332 0.10 16.73 -17.91
C ALA B 332 -0.68 15.49 -17.47
N ALA B 333 -1.96 15.44 -17.82
CA ALA B 333 -2.79 14.30 -17.46
C ALA B 333 -2.23 13.00 -18.05
N ARG B 334 -1.77 13.06 -19.29
CA ARG B 334 -1.20 11.87 -19.93
C ARG B 334 0.08 11.43 -19.23
N ARG B 335 0.91 12.38 -18.83
CA ARG B 335 2.16 12.05 -18.14
C ARG B 335 1.92 11.47 -16.75
N LEU B 336 0.78 11.83 -16.15
CA LEU B 336 0.44 11.34 -14.82
C LEU B 336 -0.10 9.92 -14.81
N ALA B 337 -0.55 9.43 -15.96
CA ALA B 337 -1.12 8.09 -16.06
C ALA B 337 -0.11 6.96 -15.81
N PRO B 338 -0.57 5.89 -15.12
CA PRO B 338 -1.92 5.69 -14.58
C PRO B 338 -2.13 6.56 -13.35
N ALA B 339 -3.31 7.14 -13.22
CA ALA B 339 -3.61 8.00 -12.08
C ALA B 339 -5.10 8.06 -11.82
N GLY B 340 -5.45 8.71 -10.71
CA GLY B 340 -6.85 8.86 -10.32
C GLY B 340 -7.09 10.30 -9.92
N ALA B 341 -8.36 10.69 -9.81
CA ALA B 341 -8.66 12.06 -9.43
C ALA B 341 -10.06 12.22 -8.87
N ILE B 342 -10.30 13.41 -8.33
CA ILE B 342 -11.61 13.79 -7.80
C ILE B 342 -12.11 14.87 -8.76
N TYR B 343 -13.37 14.77 -9.14
CA TYR B 343 -13.98 15.71 -10.06
C TYR B 343 -15.10 16.44 -9.32
N PHE B 344 -14.85 17.70 -8.98
CA PHE B 344 -15.81 18.52 -8.26
C PHE B 344 -16.77 19.10 -9.30
N ALA B 345 -17.75 18.30 -9.69
CA ALA B 345 -18.66 18.72 -10.75
C ALA B 345 -20.16 18.56 -10.54
N MET B 346 -20.59 18.30 -9.31
CA MET B 346 -22.02 18.15 -9.06
C MET B 346 -22.59 19.21 -8.13
N ASP B 347 -23.92 19.32 -8.13
CA ASP B 347 -24.66 20.27 -7.30
C ASP B 347 -25.17 19.53 -6.07
N GLU B 348 -24.66 19.90 -4.89
CA GLU B 348 -25.07 19.26 -3.64
C GLU B 348 -26.58 19.21 -3.47
N ASP B 349 -27.27 20.27 -3.89
CA ASP B 349 -28.72 20.28 -3.76
C ASP B 349 -29.36 19.19 -4.59
N GLU B 350 -28.77 18.89 -5.75
CA GLU B 350 -29.29 17.85 -6.62
C GLU B 350 -28.98 16.47 -6.05
N VAL B 351 -27.79 16.32 -5.47
CA VAL B 351 -27.43 15.04 -4.85
C VAL B 351 -28.47 14.72 -3.79
N LYS B 352 -28.82 15.74 -3.01
CA LYS B 352 -29.81 15.57 -1.95
C LYS B 352 -31.18 15.23 -2.52
N ARG B 353 -31.55 15.85 -3.63
CA ARG B 353 -32.84 15.57 -4.26
C ARG B 353 -32.90 14.13 -4.75
N ILE B 354 -31.79 13.66 -5.32
CA ILE B 354 -31.74 12.30 -5.83
C ILE B 354 -31.87 11.31 -4.67
N PHE B 355 -31.19 11.58 -3.56
CA PHE B 355 -31.26 10.69 -2.42
C PHE B 355 -32.69 10.62 -1.87
N GLN B 356 -33.41 11.74 -1.94
CA GLN B 356 -34.77 11.76 -1.44
C GLN B 356 -35.72 10.91 -2.27
N HIS B 357 -35.34 10.59 -3.50
CA HIS B 357 -36.20 9.77 -4.36
C HIS B 357 -36.40 8.41 -3.69
N PRO B 358 -37.66 7.93 -3.63
CA PRO B 358 -38.08 6.66 -3.02
C PRO B 358 -37.28 5.37 -3.15
N CYS B 359 -36.60 5.16 -4.28
CA CYS B 359 -35.85 3.92 -4.42
C CYS B 359 -34.34 4.12 -4.40
N CYS B 360 -33.90 5.20 -3.79
CA CYS B 360 -32.46 5.48 -3.74
C CYS B 360 -31.80 4.93 -2.49
N MET B 361 -30.77 4.09 -2.70
CA MET B 361 -30.01 3.47 -1.61
C MET B 361 -28.71 4.28 -1.45
N VAL B 362 -27.89 3.90 -0.49
CA VAL B 362 -26.63 4.59 -0.26
C VAL B 362 -25.48 3.65 -0.64
N GLY B 363 -24.58 4.14 -1.50
CA GLY B 363 -23.43 3.37 -1.93
C GLY B 363 -22.22 4.28 -1.77
N SER B 364 -21.25 3.85 -0.97
CA SER B 364 -20.08 4.69 -0.71
C SER B 364 -19.13 4.93 -1.88
N ASP B 365 -18.95 3.92 -2.72
CA ASP B 365 -18.05 4.01 -3.85
C ASP B 365 -16.64 4.34 -3.38
N GLY B 366 -16.27 3.83 -2.21
CA GLY B 366 -14.94 4.08 -1.68
C GLY B 366 -13.87 3.41 -2.52
N LEU B 367 -12.75 4.10 -2.70
CA LEU B 367 -11.63 3.56 -3.48
C LEU B 367 -10.49 3.41 -2.47
N PRO B 368 -10.44 2.24 -1.80
CA PRO B 368 -9.46 1.86 -0.77
C PRO B 368 -7.97 1.92 -1.08
N ASN B 369 -7.59 1.89 -2.35
CA ASN B 369 -6.18 1.90 -2.72
C ASN B 369 -5.59 3.30 -2.92
N ASP B 370 -6.45 4.29 -3.16
CA ASP B 370 -6.00 5.65 -3.39
C ASP B 370 -5.13 6.24 -2.30
N ALA B 371 -4.07 6.93 -2.70
CA ALA B 371 -3.17 7.57 -1.74
C ALA B 371 -3.90 8.66 -0.97
N ARG B 372 -4.67 9.47 -1.69
CA ARG B 372 -5.46 10.55 -1.09
C ARG B 372 -6.86 10.36 -1.64
N PRO B 373 -7.61 9.41 -1.06
CA PRO B 373 -8.97 9.09 -1.49
C PRO B 373 -10.04 10.13 -1.22
N HIS B 374 -11.15 9.97 -1.95
CA HIS B 374 -12.31 10.81 -1.78
C HIS B 374 -12.83 10.35 -0.41
N PRO B 375 -13.20 11.29 0.47
CA PRO B 375 -13.70 10.98 1.82
C PRO B 375 -14.90 10.04 1.92
N ARG B 376 -15.62 9.84 0.83
CA ARG B 376 -16.77 8.95 0.83
C ARG B 376 -16.38 7.55 1.29
N LEU B 377 -15.10 7.23 1.15
CA LEU B 377 -14.56 5.92 1.56
C LEU B 377 -14.81 5.67 3.05
N TRP B 378 -14.65 6.74 3.85
CA TRP B 378 -14.81 6.65 5.29
C TRP B 378 -16.02 7.35 5.91
N GLY B 379 -16.71 8.21 5.16
CA GLY B 379 -17.83 8.89 5.79
C GLY B 379 -19.19 8.94 5.13
N SER B 380 -19.41 8.10 4.13
CA SER B 380 -20.69 8.13 3.42
C SER B 380 -21.94 7.92 4.26
N PHE B 381 -22.02 6.80 4.99
CA PHE B 381 -23.21 6.52 5.78
C PHE B 381 -23.44 7.45 6.96
N THR B 382 -22.36 7.84 7.62
CA THR B 382 -22.49 8.73 8.76
C THR B 382 -22.78 10.17 8.30
N ARG B 383 -22.37 10.50 7.07
CA ARG B 383 -22.64 11.83 6.53
C ARG B 383 -24.14 11.90 6.27
N VAL B 384 -24.73 10.80 5.83
CA VAL B 384 -26.16 10.79 5.58
C VAL B 384 -26.91 10.98 6.91
N LEU B 385 -26.51 10.21 7.93
CA LEU B 385 -27.15 10.28 9.23
C LEU B 385 -26.95 11.61 9.95
N GLY B 386 -25.75 12.16 9.88
CA GLY B 386 -25.47 13.41 10.55
C GLY B 386 -25.78 14.68 9.78
N ARG B 387 -25.42 14.70 8.49
CA ARG B 387 -25.62 15.86 7.64
C ARG B 387 -27.00 15.90 6.96
N TYR B 388 -27.38 14.79 6.32
CA TYR B 388 -28.67 14.75 5.64
C TYR B 388 -29.86 14.64 6.58
N VAL B 389 -29.74 13.83 7.62
CA VAL B 389 -30.85 13.67 8.55
C VAL B 389 -30.84 14.70 9.68
N ARG B 390 -29.90 14.60 10.61
CA ARG B 390 -29.88 15.53 11.73
C ARG B 390 -29.77 17.00 11.37
N GLU B 391 -28.89 17.35 10.44
CA GLU B 391 -28.73 18.75 10.07
C GLU B 391 -29.74 19.29 9.06
N ALA B 392 -29.87 18.63 7.91
CA ALA B 392 -30.77 19.09 6.86
C ALA B 392 -32.22 18.60 6.97
N ARG B 393 -32.45 17.57 7.77
CA ARG B 393 -33.79 17.01 7.95
C ARG B 393 -34.42 16.64 6.61
N LEU B 394 -33.63 16.03 5.72
CA LEU B 394 -34.12 15.63 4.40
C LEU B 394 -35.18 14.54 4.50
N MET B 395 -35.11 13.75 5.56
CA MET B 395 -36.05 12.67 5.83
C MET B 395 -35.84 12.24 7.28
N THR B 396 -36.76 11.45 7.81
CA THR B 396 -36.63 11.01 9.19
C THR B 396 -35.52 9.97 9.30
N LEU B 397 -35.09 9.72 10.53
CA LEU B 397 -34.04 8.74 10.77
C LEU B 397 -34.57 7.37 10.36
N GLU B 398 -35.84 7.10 10.66
CA GLU B 398 -36.44 5.82 10.31
C GLU B 398 -36.42 5.61 8.80
N GLN B 399 -36.72 6.68 8.05
CA GLN B 399 -36.72 6.59 6.59
C GLN B 399 -35.32 6.37 6.05
N ALA B 400 -34.34 7.11 6.58
CA ALA B 400 -32.97 6.98 6.12
C ALA B 400 -32.40 5.60 6.42
N VAL B 401 -32.68 5.07 7.61
CA VAL B 401 -32.18 3.76 7.97
C VAL B 401 -32.76 2.71 7.02
N ALA B 402 -34.02 2.89 6.64
CA ALA B 402 -34.67 1.96 5.73
C ALA B 402 -33.95 1.94 4.38
N ARG B 403 -33.52 3.12 3.93
CA ARG B 403 -32.82 3.24 2.66
C ARG B 403 -31.48 2.53 2.65
N MET B 404 -30.89 2.39 3.84
CA MET B 404 -29.58 1.76 3.95
C MET B 404 -29.61 0.32 4.44
N THR B 405 -30.81 -0.20 4.70
CA THR B 405 -30.94 -1.58 5.20
C THR B 405 -31.97 -2.42 4.47
N ALA B 406 -33.25 -2.22 4.79
CA ALA B 406 -34.32 -3.00 4.18
C ALA B 406 -34.39 -2.87 2.67
N LEU B 407 -34.28 -1.65 2.16
CA LEU B 407 -34.35 -1.44 0.72
C LEU B 407 -33.24 -2.21 0.00
N PRO B 408 -31.98 -2.05 0.44
CA PRO B 408 -30.89 -2.78 -0.21
C PRO B 408 -31.10 -4.31 -0.15
N ALA B 409 -31.56 -4.79 1.00
CA ALA B 409 -31.79 -6.23 1.18
C ALA B 409 -32.84 -6.73 0.18
N ARG B 410 -33.86 -5.92 -0.06
CA ARG B 410 -34.92 -6.29 -1.00
C ARG B 410 -34.39 -6.27 -2.43
N VAL B 411 -33.71 -5.18 -2.78
CA VAL B 411 -33.16 -5.03 -4.12
C VAL B 411 -32.15 -6.12 -4.50
N PHE B 412 -31.25 -6.44 -3.58
CA PHE B 412 -30.23 -7.46 -3.83
C PHE B 412 -30.60 -8.87 -3.40
N GLY B 413 -31.79 -9.02 -2.81
CA GLY B 413 -32.26 -10.32 -2.39
C GLY B 413 -31.58 -10.97 -1.21
N PHE B 414 -31.22 -10.18 -0.20
CA PHE B 414 -30.58 -10.72 0.98
C PHE B 414 -31.61 -11.15 2.01
N ALA B 415 -31.96 -12.43 1.97
CA ALA B 415 -32.95 -12.97 2.90
C ALA B 415 -32.41 -12.92 4.32
N GLU B 416 -33.29 -12.55 5.25
CA GLU B 416 -32.95 -12.48 6.67
C GLU B 416 -31.88 -11.47 7.06
N ARG B 417 -31.77 -10.39 6.29
CA ARG B 417 -30.82 -9.32 6.59
C ARG B 417 -31.50 -8.00 6.25
N GLY B 418 -30.99 -6.91 6.82
CA GLY B 418 -31.57 -5.61 6.55
C GLY B 418 -32.74 -5.20 7.43
N VAL B 419 -33.15 -6.09 8.32
CA VAL B 419 -34.26 -5.80 9.22
C VAL B 419 -34.02 -6.42 10.59
N LEU B 420 -34.41 -5.70 11.64
CA LEU B 420 -34.26 -6.22 12.99
C LEU B 420 -35.56 -6.92 13.37
N GLN B 421 -35.58 -8.23 13.18
CA GLN B 421 -36.73 -9.05 13.50
C GLN B 421 -36.23 -10.41 13.94
N PRO B 422 -36.99 -11.10 14.80
CA PRO B 422 -36.55 -12.42 15.26
C PRO B 422 -36.28 -13.36 14.10
N GLY B 423 -35.16 -14.09 14.15
CA GLY B 423 -34.83 -15.03 13.09
C GLY B 423 -33.86 -14.48 12.06
N ALA B 424 -33.81 -13.16 11.92
CA ALA B 424 -32.91 -12.53 10.95
C ALA B 424 -31.49 -12.53 11.49
N TRP B 425 -30.51 -12.43 10.58
CA TRP B 425 -29.11 -12.41 11.00
C TRP B 425 -28.83 -11.19 11.86
N ALA B 426 -28.00 -11.38 12.88
CA ALA B 426 -27.67 -10.32 13.81
C ALA B 426 -26.66 -9.28 13.32
N ASP B 427 -26.96 -8.66 12.18
CA ASP B 427 -26.10 -7.59 11.67
C ASP B 427 -26.72 -6.36 12.32
N VAL B 428 -26.00 -5.76 13.26
CA VAL B 428 -26.56 -4.61 13.98
C VAL B 428 -25.57 -3.47 14.18
N VAL B 429 -26.10 -2.25 14.20
CA VAL B 429 -25.29 -1.07 14.45
C VAL B 429 -25.99 -0.23 15.52
N VAL B 430 -25.22 0.18 16.51
CA VAL B 430 -25.75 1.02 17.58
C VAL B 430 -25.08 2.38 17.40
N PHE B 431 -25.89 3.44 17.31
CA PHE B 431 -25.31 4.77 17.13
C PHE B 431 -26.09 5.86 17.85
N ASP B 432 -25.39 6.94 18.19
CA ASP B 432 -26.00 8.06 18.88
C ASP B 432 -26.55 8.98 17.78
N PRO B 433 -27.88 9.10 17.70
CA PRO B 433 -28.50 9.96 16.67
C PRO B 433 -28.10 11.43 16.71
N ASP B 434 -27.71 11.92 17.88
CA ASP B 434 -27.34 13.32 18.02
C ASP B 434 -25.87 13.62 17.72
N THR B 435 -25.02 12.61 17.82
CA THR B 435 -23.60 12.81 17.57
C THR B 435 -23.05 12.11 16.33
N VAL B 436 -23.76 11.10 15.84
CA VAL B 436 -23.28 10.37 14.67
C VAL B 436 -22.94 11.33 13.54
N ALA B 437 -21.74 11.19 13.00
CA ALA B 437 -21.31 12.07 11.93
C ALA B 437 -20.00 11.61 11.31
N ASP B 438 -19.81 12.00 10.06
CA ASP B 438 -18.59 11.69 9.34
C ASP B 438 -17.55 12.72 9.78
N ARG B 439 -16.29 12.33 9.76
CA ARG B 439 -15.21 13.24 10.13
C ARG B 439 -14.23 13.33 8.97
N ALA B 440 -14.37 12.42 8.01
CA ALA B 440 -13.50 12.42 6.85
C ALA B 440 -13.75 13.66 6.01
N THR B 441 -12.69 14.40 5.70
CA THR B 441 -12.81 15.61 4.90
C THR B 441 -11.98 15.47 3.63
N TRP B 442 -12.07 16.45 2.74
CA TRP B 442 -11.30 16.39 1.51
C TRP B 442 -9.81 16.32 1.81
N ASP B 443 -9.34 17.11 2.78
CA ASP B 443 -7.92 17.11 3.14
C ASP B 443 -7.50 15.96 4.04
N GLU B 444 -8.44 15.43 4.82
CA GLU B 444 -8.16 14.30 5.71
C GLU B 444 -9.27 13.29 5.45
N PRO B 445 -9.23 12.64 4.29
CA PRO B 445 -10.24 11.66 3.90
C PRO B 445 -10.31 10.31 4.62
N THR B 446 -9.41 10.04 5.57
CA THR B 446 -9.46 8.76 6.25
C THR B 446 -9.84 8.85 7.74
N LEU B 447 -10.28 10.03 8.17
CA LEU B 447 -10.68 10.20 9.57
C LEU B 447 -11.95 9.38 9.82
N ALA B 448 -11.97 8.65 10.93
CA ALA B 448 -13.10 7.80 11.27
C ALA B 448 -14.30 8.59 11.80
N SER B 449 -15.48 8.04 11.58
CA SER B 449 -16.71 8.68 12.02
C SER B 449 -16.80 8.67 13.54
N VAL B 450 -17.75 9.44 14.06
CA VAL B 450 -18.00 9.50 15.49
C VAL B 450 -19.48 9.18 15.65
N GLY B 451 -19.89 8.76 16.83
CA GLY B 451 -21.30 8.46 17.03
C GLY B 451 -21.67 7.00 16.84
N ILE B 452 -20.73 6.20 16.31
CA ILE B 452 -20.97 4.78 16.13
C ILE B 452 -20.48 4.10 17.40
N ALA B 453 -21.42 3.54 18.17
CA ALA B 453 -21.10 2.89 19.42
C ALA B 453 -20.65 1.44 19.29
N GLY B 454 -21.31 0.70 18.42
CA GLY B 454 -20.95 -0.69 18.23
C GLY B 454 -21.55 -1.28 16.98
N VAL B 455 -20.92 -2.32 16.47
CA VAL B 455 -21.38 -3.00 15.27
C VAL B 455 -21.23 -4.50 15.42
N LEU B 456 -22.30 -5.23 15.09
CA LEU B 456 -22.29 -6.68 15.14
C LEU B 456 -22.50 -7.22 13.74
N VAL B 457 -21.73 -8.23 13.39
CA VAL B 457 -21.84 -8.89 12.10
C VAL B 457 -22.17 -10.34 12.44
N ASN B 458 -23.39 -10.75 12.09
CA ASN B 458 -23.84 -12.10 12.39
C ASN B 458 -23.68 -12.39 13.89
N GLY B 459 -23.99 -11.39 14.70
CA GLY B 459 -23.92 -11.54 16.14
C GLY B 459 -22.57 -11.32 16.80
N ALA B 460 -21.52 -11.17 16.00
CA ALA B 460 -20.18 -10.97 16.54
C ALA B 460 -19.72 -9.53 16.42
N GLU B 461 -19.10 -9.01 17.49
CA GLU B 461 -18.61 -7.64 17.48
C GLU B 461 -17.46 -7.47 16.50
N VAL B 462 -17.52 -6.41 15.71
CA VAL B 462 -16.46 -6.10 14.76
C VAL B 462 -15.99 -4.69 15.02
N PHE B 463 -16.79 -3.96 15.79
CA PHE B 463 -16.49 -2.57 16.16
C PHE B 463 -17.16 -2.27 17.50
N PRO B 464 -16.48 -1.54 18.39
CA PRO B 464 -15.14 -0.95 18.25
C PRO B 464 -13.97 -1.94 18.26
N GLN B 465 -14.21 -3.12 18.84
CA GLN B 465 -13.16 -4.13 18.92
C GLN B 465 -13.38 -5.31 17.97
N PRO B 466 -12.60 -5.36 16.88
CA PRO B 466 -12.74 -6.46 15.93
C PRO B 466 -12.17 -7.75 16.51
N PRO B 467 -12.64 -8.91 16.02
CA PRO B 467 -12.16 -10.20 16.51
C PRO B 467 -10.68 -10.40 16.22
N ALA B 468 -10.01 -11.14 17.09
CA ALA B 468 -8.58 -11.40 16.93
C ALA B 468 -8.30 -12.46 15.88
N ASP B 469 -9.10 -13.52 15.89
CA ASP B 469 -8.93 -14.62 14.94
C ASP B 469 -9.90 -14.52 13.76
N GLY B 470 -10.56 -15.64 13.46
CA GLY B 470 -11.50 -15.68 12.36
C GLY B 470 -12.56 -14.59 12.42
N ARG B 471 -12.85 -13.99 11.26
CA ARG B 471 -13.84 -12.93 11.17
C ARG B 471 -15.23 -13.53 10.97
N PRO B 472 -16.28 -12.78 11.35
CA PRO B 472 -17.68 -13.21 11.24
C PRO B 472 -18.43 -13.02 9.93
N GLY B 473 -17.84 -12.30 8.98
CA GLY B 473 -18.52 -12.07 7.71
C GLY B 473 -18.79 -13.32 6.91
N GLN B 474 -19.92 -13.34 6.20
CA GLN B 474 -20.31 -14.48 5.37
C GLN B 474 -20.33 -14.08 3.90
N VAL B 475 -20.09 -15.05 3.03
CA VAL B 475 -20.15 -14.83 1.60
C VAL B 475 -21.64 -15.00 1.29
N LEU B 476 -22.27 -13.95 0.81
CA LEU B 476 -23.70 -14.02 0.52
C LEU B 476 -23.97 -14.55 -0.89
N ARG B 477 -23.87 -15.87 -1.03
CA ARG B 477 -24.11 -16.53 -2.30
C ARG B 477 -25.59 -16.49 -2.65
N ALA B 478 -25.91 -15.96 -3.82
CA ALA B 478 -27.30 -15.88 -4.27
C ALA B 478 -27.76 -17.26 -4.73
C ACY C . 22.55 7.22 -2.54
O ACY C . 23.46 7.42 -3.31
OXT ACY C . 22.08 5.98 -2.38
CH3 ACY C . 21.95 8.35 -1.77
C FMT D . 19.24 6.58 -4.63
O1 FMT D . 18.55 7.24 -3.89
O2 FMT D . 18.74 5.45 -5.15
C FMT E . 19.92 9.04 -7.89
O1 FMT E . 19.11 9.93 -8.04
O2 FMT E . 21.14 9.16 -8.42
ZN ZN F . 23.80 5.21 -3.76
C ACY G . -16.57 4.51 -10.17
O ACY G . -16.66 4.39 -11.36
OXT ACY G . -17.63 4.35 -9.40
CH3 ACY G . -15.24 4.88 -9.55
C FMT H . -18.00 8.03 -9.24
O1 FMT H . -17.13 8.49 -8.53
O2 FMT H . -19.24 8.52 -9.20
C FMT I . -16.94 9.99 -12.74
O1 FMT I . -16.21 10.94 -12.58
O2 FMT I . -17.01 9.39 -13.93
ZN ZN J . -18.77 3.76 -11.29
#